data_2ZX9
#
_entry.id   2ZX9
#
_cell.length_a   180.808
_cell.length_b   180.808
_cell.length_c   169.716
_cell.angle_alpha   90.00
_cell.angle_beta   90.00
_cell.angle_gamma   120.00
#
_symmetry.space_group_name_H-M   'H 3 2'
#
loop_
_entity.id
_entity.type
_entity.pdbx_description
1 polymer 'Alpha-L-fucosidase, putative'
2 non-polymer (2S)-2-cyclopentyl-2-phenyl-N-{[(2R,3R,4R,5R,6S)-3,4,5-trihydroxy-6-methylpiperidin-2-yl]methyl}ethanamide
3 water water
#
_entity_poly.entity_id   1
_entity_poly.type   'polypeptide(L)'
_entity_poly.pdbx_seq_one_letter_code
;MISMKPRYKPDWESLREHTVPKWFDKAKFGIFIHWGIYSVPGWATPTGELGKVPMDAWFFQNPYAEWYENSLRIKESPTW
EYHVKTYGENFEYEKFADLFTAEKWDPQEWADLFKKAGAKYVIPTTKHHDGFCLWGTKYTDFNSVKRGPKRDLVGDLAKA
VREAGLRFGVYYSGGLDWRFTTEPIRYPEDLSYIRPNTYEYADYAYKQVMELVDLYLPDVLWNDMGWPEKGKEDLKYLFA
YYYNKHPEGSVNDRWGVPHWDFKTAEYHVNYPGDLPGYKWEFTRGIGLSFGYNRNEGPEHMLSVEQLVYTLVDVVSKGGN
LLLNVGPKGDGTIPDLQKERLLGLGEWLRKYGDAIYGTSVWERCCAKTEDGTEIRFTRKCNRIFVIFLGIPTGEKIVIED
LNLSAGTVRHFLTGERLSFKNVGKNLEITVPKKLLETDSITLVLEAVEEHHHHHH
;
_entity_poly.pdbx_strand_id   A,B
#
# COMPACT_ATOMS: atom_id res chain seq x y z
N ARG A 7 16.37 -3.48 0.86
CA ARG A 7 17.26 -2.50 0.18
C ARG A 7 16.43 -1.80 -0.86
N TYR A 8 16.24 -0.51 -0.70
CA TYR A 8 15.48 0.21 -1.67
C TYR A 8 16.47 0.77 -2.68
N LYS A 9 16.03 0.97 -3.88
CA LYS A 9 16.93 1.47 -4.88
C LYS A 9 16.47 2.90 -5.10
N PRO A 10 17.34 3.75 -5.68
CA PRO A 10 16.91 5.13 -5.90
C PRO A 10 16.11 5.36 -7.14
N ASP A 11 14.93 4.81 -7.20
CA ASP A 11 14.08 5.07 -8.35
C ASP A 11 12.63 4.77 -7.91
N TRP A 12 11.68 5.57 -8.38
CA TRP A 12 10.26 5.46 -7.98
C TRP A 12 9.63 4.09 -7.96
N GLU A 13 9.92 3.29 -8.98
CA GLU A 13 9.37 1.96 -9.08
C GLU A 13 9.76 1.19 -7.85
N SER A 14 11.02 1.25 -7.47
CA SER A 14 11.48 0.53 -6.30
C SER A 14 10.98 1.17 -4.99
N LEU A 15 10.99 2.49 -4.93
CA LEU A 15 10.59 3.16 -3.73
C LEU A 15 9.12 2.90 -3.39
N ARG A 16 8.35 2.55 -4.42
CA ARG A 16 6.93 2.25 -4.23
C ARG A 16 6.75 1.03 -3.29
N GLU A 17 7.77 0.19 -3.20
CA GLU A 17 7.74 -0.93 -2.32
C GLU A 17 7.52 -0.52 -0.86
N HIS A 18 8.02 0.65 -0.47
CA HIS A 18 7.84 1.13 0.87
C HIS A 18 6.48 1.72 1.10
N THR A 19 5.77 1.18 2.09
CA THR A 19 4.47 1.76 2.36
C THR A 19 4.39 2.23 3.79
N VAL A 20 3.34 2.98 4.08
CA VAL A 20 3.17 3.51 5.41
C VAL A 20 3.48 2.46 6.50
N PRO A 21 4.48 2.76 7.35
CA PRO A 21 4.92 1.90 8.43
C PRO A 21 3.73 1.56 9.27
N LYS A 22 3.72 0.37 9.86
CA LYS A 22 2.59 -0.07 10.68
C LYS A 22 2.42 0.80 11.92
N TRP A 23 3.50 1.34 12.46
CA TRP A 23 3.35 2.16 13.64
C TRP A 23 2.54 3.43 13.38
N PHE A 24 2.66 3.94 12.15
CA PHE A 24 1.95 5.16 11.78
C PHE A 24 0.47 4.89 11.65
N ASP A 25 0.11 3.83 10.94
CA ASP A 25 -1.28 3.53 10.78
C ASP A 25 -2.01 3.30 12.08
N LYS A 26 -1.29 2.82 13.07
CA LYS A 26 -1.85 2.45 14.38
C LYS A 26 -1.87 3.58 15.37
N ALA A 27 -0.87 4.45 15.31
CA ALA A 27 -0.84 5.60 16.21
C ALA A 27 -2.01 6.32 15.57
N LYS A 28 -2.71 7.23 16.22
CA LYS A 28 -3.80 7.80 15.37
C LYS A 28 -3.81 9.30 15.53
N PHE A 29 -2.91 9.73 16.39
CA PHE A 29 -2.82 11.08 16.82
C PHE A 29 -1.36 11.42 17.07
N GLY A 30 -0.98 12.57 16.52
CA GLY A 30 0.35 13.10 16.71
C GLY A 30 0.18 14.58 17.03
N ILE A 31 1.24 15.19 17.58
CA ILE A 31 1.25 16.61 17.85
C ILE A 31 2.26 17.30 16.90
N PHE A 32 1.76 18.32 16.22
CA PHE A 32 2.51 19.17 15.34
C PHE A 32 3.00 20.38 16.24
N ILE A 33 4.19 20.88 16.05
CA ILE A 33 4.62 22.04 16.82
C ILE A 33 5.21 23.09 15.87
N HIS A 34 4.44 24.17 15.64
CA HIS A 34 4.87 25.32 14.82
C HIS A 34 5.40 26.38 15.82
N TRP A 35 6.70 26.32 16.02
CA TRP A 35 7.42 27.18 16.93
C TRP A 35 8.61 27.77 16.20
N GLY A 36 8.72 29.09 16.26
CA GLY A 36 9.79 29.78 15.58
C GLY A 36 9.95 31.18 16.13
N ILE A 37 10.63 32.05 15.38
CA ILE A 37 10.85 33.38 15.86
C ILE A 37 9.57 34.21 15.63
N TYR A 38 8.64 33.68 14.84
CA TYR A 38 7.35 34.31 14.55
C TYR A 38 6.49 34.11 15.80
N SER A 39 6.86 33.15 16.63
CA SER A 39 6.15 32.93 17.89
C SER A 39 6.25 34.15 18.81
N VAL A 40 7.39 34.88 18.75
CA VAL A 40 7.63 36.06 19.56
C VAL A 40 6.54 37.13 19.32
N PRO A 41 6.35 37.60 18.06
CA PRO A 41 5.25 38.59 17.93
C PRO A 41 3.94 37.84 18.14
N GLY A 42 3.91 36.56 17.77
CA GLY A 42 2.71 35.75 17.95
C GLY A 42 1.41 36.49 17.71
N TRP A 43 1.21 36.92 16.47
CA TRP A 43 0.06 37.73 16.17
C TRP A 43 -0.51 37.56 14.78
N ALA A 44 -1.83 37.57 14.71
CA ALA A 44 -2.50 37.48 13.43
C ALA A 44 -4.00 37.80 13.50
N THR A 45 -4.57 38.15 12.35
CA THR A 45 -6.01 38.40 12.26
C THR A 45 -6.60 36.97 12.08
N PRO A 46 -7.38 36.49 13.07
CA PRO A 46 -8.02 35.15 13.04
C PRO A 46 -9.25 35.15 12.14
N THR A 47 -8.98 35.48 10.87
CA THR A 47 -9.96 35.60 9.80
C THR A 47 -10.89 34.37 9.57
N GLY A 48 -10.34 33.18 9.78
CA GLY A 48 -11.09 31.95 9.56
C GLY A 48 -10.27 30.72 9.13
N GLU A 49 -10.98 29.67 8.73
CA GLU A 49 -10.38 28.41 8.32
C GLU A 49 -10.03 28.33 6.85
N LEU A 50 -8.85 27.75 6.58
CA LEU A 50 -8.45 27.50 5.21
C LEU A 50 -9.58 26.69 4.56
N GLY A 51 -10.03 27.11 3.38
CA GLY A 51 -11.12 26.43 2.71
C GLY A 51 -12.34 27.31 2.83
N LYS A 52 -12.42 28.11 3.90
CA LYS A 52 -13.57 29.00 4.10
C LYS A 52 -13.31 30.47 3.85
N VAL A 53 -12.05 30.85 3.71
CA VAL A 53 -11.68 32.22 3.47
C VAL A 53 -11.23 32.38 2.03
N PRO A 54 -11.83 33.31 1.27
CA PRO A 54 -11.50 33.61 -0.13
C PRO A 54 -10.01 33.98 -0.36
N MET A 55 -9.37 33.24 -1.27
CA MET A 55 -7.95 33.44 -1.56
C MET A 55 -7.52 34.81 -2.09
N ASP A 56 -8.51 35.64 -2.39
CA ASP A 56 -8.29 37.00 -2.89
C ASP A 56 -8.01 37.89 -1.65
N ALA A 57 -8.33 37.37 -0.47
CA ALA A 57 -8.13 38.13 0.75
C ALA A 57 -7.07 37.53 1.68
N TRP A 58 -7.04 36.19 1.74
CA TRP A 58 -6.21 35.37 2.63
C TRP A 58 -4.87 35.85 3.05
N PHE A 59 -3.99 36.13 2.07
CA PHE A 59 -2.64 36.60 2.38
C PHE A 59 -2.59 37.98 2.99
N PHE A 60 -3.63 38.78 2.74
CA PHE A 60 -3.76 40.15 3.28
C PHE A 60 -4.35 40.15 4.71
N GLN A 61 -5.10 39.10 5.07
CA GLN A 61 -5.73 38.93 6.40
C GLN A 61 -5.35 37.52 6.92
N ASN A 62 -4.13 37.08 6.68
CA ASN A 62 -3.67 35.75 7.07
C ASN A 62 -3.86 35.30 8.52
N PRO A 63 -4.71 34.26 8.72
CA PRO A 63 -4.99 33.70 10.05
C PRO A 63 -3.76 32.88 10.54
N TYR A 64 -2.84 32.54 9.64
CA TYR A 64 -1.66 31.83 10.07
C TYR A 64 -0.61 32.76 10.60
N ALA A 65 -0.40 32.80 11.91
CA ALA A 65 0.63 33.67 12.49
C ALA A 65 2.09 33.27 12.10
N GLU A 66 2.39 32.01 11.75
CA GLU A 66 3.74 31.69 11.30
C GLU A 66 4.01 32.55 10.03
N TRP A 67 2.97 33.02 9.36
CA TRP A 67 3.19 33.80 8.14
C TRP A 67 3.48 35.26 8.32
N TYR A 68 3.74 35.65 9.57
CA TYR A 68 4.02 37.01 9.97
C TYR A 68 4.99 37.72 9.04
N GLU A 69 6.17 37.11 8.78
CA GLU A 69 7.11 37.77 7.86
C GLU A 69 6.43 38.11 6.48
N ASN A 70 5.69 37.17 5.93
CA ASN A 70 5.08 37.45 4.65
C ASN A 70 4.07 38.61 4.74
N SER A 71 3.17 38.55 5.75
CA SER A 71 2.15 39.57 6.02
C SER A 71 2.82 40.94 6.23
N LEU A 72 3.90 40.94 7.03
CA LEU A 72 4.68 42.14 7.31
C LEU A 72 5.27 42.75 6.02
N ARG A 73 5.69 41.93 5.04
CA ARG A 73 6.20 42.50 3.80
C ARG A 73 5.04 43.14 3.00
N ILE A 74 3.79 42.79 3.26
CA ILE A 74 2.73 43.49 2.54
C ILE A 74 2.43 44.74 3.39
N LYS A 75 3.01 45.88 2.99
CA LYS A 75 2.84 47.15 3.66
C LYS A 75 1.33 47.48 3.70
N GLU A 76 0.83 48.13 4.74
CA GLU A 76 -0.61 48.37 4.74
C GLU A 76 -1.33 46.97 4.76
N SER A 77 -1.15 46.26 5.86
CA SER A 77 -1.78 44.98 6.07
C SER A 77 -1.96 45.09 7.57
N PRO A 78 -2.92 44.38 8.14
CA PRO A 78 -3.06 44.53 9.60
C PRO A 78 -1.76 44.22 10.35
N THR A 79 -1.03 43.16 9.94
CA THR A 79 0.25 42.79 10.56
C THR A 79 1.26 43.93 10.45
N TRP A 80 1.25 44.60 9.29
CA TRP A 80 2.14 45.71 9.10
C TRP A 80 1.76 46.82 10.07
N GLU A 81 0.47 47.13 10.21
CA GLU A 81 0.05 48.17 11.13
C GLU A 81 0.52 47.83 12.52
N TYR A 82 0.20 46.62 12.97
CA TYR A 82 0.60 46.13 14.29
C TYR A 82 2.14 46.10 14.50
N HIS A 83 2.96 45.72 13.52
CA HIS A 83 4.43 45.69 13.74
C HIS A 83 5.03 47.06 14.03
N VAL A 84 4.69 48.03 13.18
CA VAL A 84 5.16 49.41 13.29
C VAL A 84 4.70 50.04 14.62
N LYS A 85 3.46 49.83 15.03
CA LYS A 85 2.96 50.37 16.30
C LYS A 85 3.64 49.67 17.52
N THR A 86 3.83 48.36 17.41
CA THR A 86 4.41 47.55 18.48
C THR A 86 5.95 47.43 18.53
N TYR A 87 6.64 47.49 17.37
CA TYR A 87 8.09 47.29 17.37
C TYR A 87 8.88 48.36 16.68
N GLY A 88 8.16 49.15 15.91
CA GLY A 88 8.73 50.24 15.13
C GLY A 88 9.09 49.91 13.68
N GLU A 89 9.25 50.96 12.87
CA GLU A 89 9.59 50.76 11.48
C GLU A 89 10.97 50.21 11.27
N ASN A 90 11.89 50.48 12.19
CA ASN A 90 13.25 50.02 12.00
C ASN A 90 13.53 48.62 12.53
N PHE A 91 12.48 47.84 12.73
CA PHE A 91 12.68 46.53 13.30
C PHE A 91 12.42 45.43 12.28
N GLU A 92 13.53 45.01 11.69
CA GLU A 92 13.53 43.98 10.70
C GLU A 92 13.10 42.64 11.33
N TYR A 93 12.29 41.90 10.57
CA TYR A 93 11.76 40.63 10.99
C TYR A 93 12.85 39.67 11.57
N GLU A 94 14.03 39.70 10.94
CA GLU A 94 15.14 38.84 11.33
C GLU A 94 15.53 39.10 12.78
N LYS A 95 15.28 40.34 13.24
CA LYS A 95 15.61 40.73 14.61
C LYS A 95 14.86 39.88 15.65
N PHE A 96 13.78 39.22 15.23
CA PHE A 96 13.07 38.39 16.20
C PHE A 96 13.90 37.17 16.65
N ALA A 97 14.87 36.81 15.83
CA ALA A 97 15.78 35.74 16.19
C ALA A 97 16.46 36.06 17.53
N ASP A 98 16.68 37.33 17.82
CA ASP A 98 17.33 37.68 19.09
C ASP A 98 16.37 37.72 20.27
N LEU A 99 15.05 37.86 20.02
CA LEU A 99 14.13 37.90 21.14
C LEU A 99 13.62 36.48 21.41
N PHE A 100 13.79 35.61 20.43
CA PHE A 100 13.35 34.23 20.58
C PHE A 100 14.32 33.54 21.51
N THR A 101 13.98 33.47 22.78
CA THR A 101 14.95 32.96 23.74
C THR A 101 14.63 31.64 24.38
N ALA A 102 13.36 31.21 24.35
CA ALA A 102 12.92 29.95 24.95
C ALA A 102 13.37 29.87 26.41
N GLU A 103 13.42 31.03 27.09
CA GLU A 103 13.85 31.16 28.49
C GLU A 103 13.19 30.18 29.42
N LYS A 104 11.88 30.00 29.29
CA LYS A 104 11.12 29.08 30.15
C LYS A 104 10.82 27.78 29.42
N TRP A 105 11.79 27.21 28.68
CA TRP A 105 11.52 25.97 27.92
C TRP A 105 12.00 24.70 28.56
N ASP A 106 11.09 23.74 28.66
CA ASP A 106 11.40 22.43 29.21
C ASP A 106 10.84 21.34 28.30
N PRO A 107 11.69 20.82 27.39
CA PRO A 107 11.22 19.79 26.48
C PRO A 107 10.69 18.59 27.16
N GLN A 108 11.15 18.28 28.36
CA GLN A 108 10.57 17.11 29.01
C GLN A 108 9.11 17.36 29.38
N GLU A 109 8.82 18.57 29.84
CA GLU A 109 7.44 18.92 30.18
C GLU A 109 6.57 18.79 28.95
N TRP A 110 7.06 19.27 27.81
CA TRP A 110 6.30 19.16 26.53
C TRP A 110 6.05 17.68 26.17
N ALA A 111 7.12 16.87 26.20
CA ALA A 111 6.98 15.47 25.84
C ALA A 111 5.91 14.80 26.70
N ASP A 112 5.93 15.15 27.96
CA ASP A 112 4.99 14.60 28.86
C ASP A 112 3.58 15.00 28.60
N LEU A 113 3.42 16.28 28.29
CA LEU A 113 2.13 16.81 28.00
C LEU A 113 1.56 16.10 26.73
N PHE A 114 2.36 15.93 25.67
CA PHE A 114 1.88 15.24 24.45
C PHE A 114 1.53 13.71 24.70
N LYS A 115 2.23 13.11 25.65
CA LYS A 115 1.99 11.73 26.04
C LYS A 115 0.70 11.72 26.90
N LYS A 116 0.60 12.58 27.91
CA LYS A 116 -0.62 12.58 28.69
C LYS A 116 -1.76 12.88 27.72
N ALA A 117 -1.54 13.73 26.71
CA ALA A 117 -2.59 14.09 25.76
C ALA A 117 -3.05 12.95 24.87
N GLY A 118 -2.31 11.85 24.88
CA GLY A 118 -2.69 10.73 24.07
C GLY A 118 -2.01 10.64 22.71
N ALA A 119 -1.05 11.51 22.44
CA ALA A 119 -0.39 11.53 21.19
C ALA A 119 0.70 10.44 21.11
N LYS A 120 0.92 9.90 19.92
CA LYS A 120 1.91 8.85 19.73
C LYS A 120 3.20 9.27 18.99
N TYR A 121 3.18 10.46 18.39
CA TYR A 121 4.35 10.99 17.66
C TYR A 121 4.24 12.50 17.70
N VAL A 122 5.37 13.18 17.55
CA VAL A 122 5.47 14.62 17.62
C VAL A 122 6.32 15.13 16.46
N ILE A 123 5.92 16.24 15.87
CA ILE A 123 6.67 16.75 14.73
C ILE A 123 6.81 18.25 14.83
N PRO A 124 8.00 18.72 15.19
CA PRO A 124 8.21 20.17 15.28
C PRO A 124 8.68 20.75 13.95
N THR A 125 8.40 22.03 13.71
CA THR A 125 8.88 22.73 12.52
C THR A 125 10.37 22.87 12.71
N THR A 126 11.18 22.21 11.90
CA THR A 126 12.65 22.42 12.05
C THR A 126 13.08 23.71 11.31
N LYS A 127 12.32 24.07 10.27
CA LYS A 127 12.53 25.25 9.47
C LYS A 127 11.24 25.57 8.73
N HIS A 128 10.70 26.72 9.04
CA HIS A 128 9.49 27.12 8.40
C HIS A 128 9.80 28.04 7.18
N HIS A 129 8.77 28.60 6.59
CA HIS A 129 9.02 29.44 5.43
C HIS A 129 10.04 30.61 5.63
N ASP A 130 10.23 31.07 6.87
CA ASP A 130 11.13 32.18 7.14
C ASP A 130 12.60 31.80 7.13
N GLY A 131 12.89 30.55 6.86
CA GLY A 131 14.27 30.15 6.80
C GLY A 131 14.98 29.90 8.11
N PHE A 132 14.38 30.29 9.23
CA PHE A 132 15.04 30.10 10.49
C PHE A 132 14.98 28.62 10.91
N CYS A 133 16.16 28.03 11.13
CA CYS A 133 16.36 26.63 11.52
C CYS A 133 16.48 26.40 13.03
N LEU A 134 15.65 25.51 13.59
CA LEU A 134 15.78 25.28 15.02
C LEU A 134 16.78 24.18 15.44
N TRP A 135 17.86 23.99 14.64
CA TRP A 135 18.97 23.05 14.97
C TRP A 135 20.26 23.67 14.51
N GLY A 136 21.36 23.18 15.07
CA GLY A 136 22.66 23.73 14.71
C GLY A 136 23.09 23.31 13.29
N THR A 137 22.26 23.57 12.28
CA THR A 137 22.63 23.22 10.90
C THR A 137 23.97 23.89 10.52
N LYS A 138 24.75 23.26 9.63
CA LYS A 138 26.00 23.87 9.22
C LYS A 138 25.86 24.66 7.94
N TYR A 139 24.64 24.65 7.40
CA TYR A 139 24.33 25.33 6.14
C TYR A 139 23.80 26.76 6.14
N THR A 140 23.64 27.30 7.34
CA THR A 140 23.18 28.65 7.58
C THR A 140 23.39 29.02 9.05
N ASP A 141 23.70 30.30 9.28
CA ASP A 141 23.87 30.89 10.64
C ASP A 141 22.54 31.40 11.26
N PHE A 142 21.47 31.44 10.49
CA PHE A 142 20.19 31.88 10.97
C PHE A 142 19.53 30.66 11.64
N ASN A 143 20.07 30.17 12.73
CA ASN A 143 19.55 28.98 13.35
C ASN A 143 19.53 29.17 14.85
N SER A 144 18.79 28.32 15.54
CA SER A 144 18.65 28.51 16.96
C SER A 144 19.89 28.36 17.86
N VAL A 145 20.98 27.79 17.33
CA VAL A 145 22.22 27.56 18.10
C VAL A 145 23.08 28.83 18.21
N LYS A 146 23.21 29.52 17.08
CA LYS A 146 23.96 30.76 16.96
C LYS A 146 23.20 32.01 17.39
N ARG A 147 21.88 32.00 17.30
CA ARG A 147 21.01 33.13 17.66
C ARG A 147 20.04 32.70 18.74
N GLY A 148 19.23 33.65 19.21
CA GLY A 148 18.19 33.35 20.20
C GLY A 148 18.44 32.41 21.35
N PRO A 149 17.86 31.21 21.30
CA PRO A 149 17.98 30.18 22.34
C PRO A 149 19.41 29.68 22.59
N LYS A 150 20.27 29.78 21.58
CA LYS A 150 21.64 29.29 21.66
C LYS A 150 21.49 27.85 22.12
N ARG A 151 20.70 27.09 21.38
CA ARG A 151 20.42 25.74 21.78
C ARG A 151 19.79 25.04 20.62
N ASP A 152 19.97 23.71 20.57
CA ASP A 152 19.41 22.91 19.49
C ASP A 152 18.09 22.38 20.01
N LEU A 153 17.04 23.12 19.67
CA LEU A 153 15.67 22.81 20.06
C LEU A 153 15.24 21.49 19.44
N VAL A 154 15.54 21.32 18.14
CA VAL A 154 15.18 20.09 17.42
C VAL A 154 15.77 18.88 18.17
N GLY A 155 17.08 18.97 18.43
CA GLY A 155 17.78 17.91 19.11
C GLY A 155 17.26 17.64 20.52
N ASP A 156 17.18 18.68 21.36
CA ASP A 156 16.72 18.49 22.75
C ASP A 156 15.29 18.03 22.76
N LEU A 157 14.52 18.44 21.77
CA LEU A 157 13.15 18.01 21.80
C LEU A 157 13.04 16.54 21.38
N ALA A 158 13.89 16.12 20.43
CA ALA A 158 13.86 14.73 19.96
C ALA A 158 14.27 13.75 21.09
N LYS A 159 15.21 14.18 21.94
CA LYS A 159 15.67 13.33 23.04
C LYS A 159 14.51 13.13 24.02
N ALA A 160 13.88 14.26 24.35
CA ALA A 160 12.78 14.27 25.26
C ALA A 160 11.52 13.54 24.73
N VAL A 161 11.19 13.65 23.44
CA VAL A 161 10.01 12.95 22.97
C VAL A 161 10.27 11.46 23.03
N ARG A 162 11.45 11.10 22.57
CA ARG A 162 11.85 9.71 22.57
C ARG A 162 11.86 9.09 23.96
N GLU A 163 12.34 9.86 24.93
CA GLU A 163 12.36 9.40 26.31
C GLU A 163 10.98 9.04 26.85
N ALA A 164 9.97 9.79 26.41
CA ALA A 164 8.60 9.58 26.79
C ALA A 164 8.03 8.45 25.92
N GLY A 165 8.89 7.84 25.12
CA GLY A 165 8.45 6.75 24.27
C GLY A 165 7.58 7.10 23.07
N LEU A 166 7.69 8.35 22.56
CA LEU A 166 6.93 8.74 21.38
C LEU A 166 7.77 8.79 20.08
N ARG A 167 7.13 8.65 18.92
CA ARG A 167 7.86 8.74 17.65
C ARG A 167 8.09 10.22 17.38
N PHE A 168 9.25 10.54 16.83
CA PHE A 168 9.62 11.90 16.49
C PHE A 168 9.87 12.06 15.01
N GLY A 169 9.13 12.96 14.39
CA GLY A 169 9.30 13.18 12.97
C GLY A 169 9.73 14.63 12.82
N VAL A 170 10.19 15.02 11.61
CA VAL A 170 10.57 16.40 11.38
C VAL A 170 9.78 17.12 10.30
N TYR A 171 9.53 18.39 10.46
CA TYR A 171 8.85 19.23 9.47
C TYR A 171 9.92 20.13 8.83
N TYR A 172 9.86 20.33 7.52
CA TYR A 172 10.82 21.18 6.86
C TYR A 172 10.13 21.86 5.72
N SER A 173 10.31 23.17 5.61
CA SER A 173 9.71 23.89 4.53
C SER A 173 10.64 23.82 3.29
N GLY A 174 10.52 22.77 2.49
CA GLY A 174 11.35 22.70 1.32
C GLY A 174 10.89 23.62 0.21
N GLY A 175 9.57 23.88 0.18
CA GLY A 175 8.98 24.74 -0.83
C GLY A 175 9.12 26.29 -0.77
N LEU A 176 9.25 26.82 0.43
CA LEU A 176 9.39 28.22 0.58
C LEU A 176 10.53 28.44 1.60
N ASP A 177 11.24 29.54 1.41
CA ASP A 177 12.30 30.00 2.30
C ASP A 177 12.46 31.49 1.99
N TRP A 178 11.82 32.32 2.82
CA TRP A 178 11.84 33.76 2.57
C TRP A 178 13.22 34.42 2.69
N ARG A 179 14.19 33.61 3.07
CA ARG A 179 15.56 34.06 3.11
C ARG A 179 16.06 34.15 1.64
N PHE A 180 15.36 33.50 0.70
CA PHE A 180 15.74 33.53 -0.72
C PHE A 180 14.89 34.46 -1.58
N THR A 181 13.92 35.15 -0.99
CA THR A 181 13.06 36.04 -1.75
C THR A 181 12.98 37.36 -1.03
N THR A 182 12.36 38.34 -1.69
CA THR A 182 12.16 39.68 -1.12
C THR A 182 10.69 40.13 -1.22
N GLU A 183 10.01 39.60 -2.23
CA GLU A 183 8.62 39.95 -2.53
C GLU A 183 7.63 39.07 -1.73
N PRO A 184 6.53 39.67 -1.23
CA PRO A 184 5.62 38.79 -0.50
C PRO A 184 4.68 38.08 -1.45
N ILE A 185 4.04 37.05 -0.93
CA ILE A 185 3.00 36.27 -1.61
C ILE A 185 1.69 37.04 -1.29
N ARG A 186 1.00 37.52 -2.32
CA ARG A 186 -0.22 38.28 -2.17
C ARG A 186 -1.35 37.48 -2.69
N TYR A 187 -1.13 36.71 -3.75
CA TYR A 187 -2.16 35.85 -4.32
C TYR A 187 -1.70 34.42 -4.48
N PRO A 188 -2.61 33.42 -4.39
CA PRO A 188 -2.16 32.03 -4.56
C PRO A 188 -1.30 31.91 -5.83
N GLU A 189 -1.66 32.65 -6.89
CA GLU A 189 -0.91 32.61 -8.17
C GLU A 189 0.57 33.00 -8.01
N ASP A 190 0.84 33.87 -7.05
CA ASP A 190 2.22 34.31 -6.90
C ASP A 190 3.17 33.15 -6.55
N LEU A 191 2.61 32.12 -5.91
CA LEU A 191 3.35 30.96 -5.51
C LEU A 191 4.01 30.21 -6.62
N SER A 192 3.58 30.49 -7.83
CA SER A 192 4.18 29.77 -8.95
C SER A 192 5.49 30.38 -9.46
N TYR A 193 5.89 31.56 -8.93
CA TYR A 193 7.17 32.14 -9.35
C TYR A 193 7.94 32.82 -8.22
N ILE A 194 7.28 33.10 -7.12
CA ILE A 194 8.01 33.70 -6.02
C ILE A 194 8.46 32.56 -5.07
N ARG A 195 9.51 31.87 -5.51
CA ARG A 195 10.12 30.72 -4.83
C ARG A 195 11.62 30.96 -4.90
N PRO A 196 12.45 30.17 -4.17
CA PRO A 196 13.89 30.44 -4.30
C PRO A 196 14.38 30.29 -5.78
N ASN A 197 13.95 29.22 -6.44
CA ASN A 197 14.28 28.99 -7.86
C ASN A 197 15.68 28.63 -8.26
N THR A 198 16.65 28.81 -7.39
CA THR A 198 18.02 28.54 -7.73
C THR A 198 18.48 27.09 -7.47
N TYR A 199 19.53 26.72 -8.19
CA TYR A 199 20.16 25.43 -8.05
C TYR A 199 20.65 25.42 -6.62
N GLU A 200 21.30 26.51 -6.28
CA GLU A 200 21.80 26.70 -4.96
C GLU A 200 20.74 26.26 -3.85
N TYR A 201 19.49 26.72 -4.00
CA TYR A 201 18.45 26.43 -3.01
C TYR A 201 18.09 24.95 -2.98
N ALA A 202 17.91 24.36 -4.16
CA ALA A 202 17.61 22.94 -4.23
C ALA A 202 18.70 22.10 -3.48
N ASP A 203 19.94 22.56 -3.55
CA ASP A 203 21.05 21.89 -2.88
C ASP A 203 20.96 22.09 -1.37
N TYR A 204 20.64 23.32 -0.97
CA TYR A 204 20.53 23.69 0.42
C TYR A 204 19.47 22.80 1.09
N ALA A 205 18.30 22.66 0.41
CA ALA A 205 17.17 21.89 0.87
C ALA A 205 17.58 20.43 1.02
N TYR A 206 18.17 19.85 -0.01
CA TYR A 206 18.62 18.46 0.02
C TYR A 206 19.64 18.29 1.16
N LYS A 207 20.64 19.16 1.21
CA LYS A 207 21.64 19.05 2.25
C LYS A 207 21.04 19.20 3.61
N GLN A 208 19.96 20.00 3.72
CA GLN A 208 19.46 20.16 5.08
C GLN A 208 18.63 18.99 5.56
N VAL A 209 17.86 18.39 4.63
CA VAL A 209 17.04 17.27 5.02
C VAL A 209 17.97 16.08 5.32
N MET A 210 19.01 15.91 4.51
CA MET A 210 20.02 14.90 4.76
C MET A 210 20.65 15.06 6.17
N GLU A 211 21.00 16.31 6.49
CA GLU A 211 21.58 16.63 7.78
C GLU A 211 20.59 16.20 8.84
N LEU A 212 19.30 16.48 8.63
CA LEU A 212 18.28 16.06 9.61
C LEU A 212 18.19 14.52 9.78
N VAL A 213 18.30 13.79 8.67
CA VAL A 213 18.27 12.33 8.69
C VAL A 213 19.55 11.83 9.42
N ASP A 214 20.67 12.40 9.02
CA ASP A 214 21.87 12.02 9.66
C ASP A 214 21.85 12.32 11.14
N LEU A 215 21.46 13.51 11.54
CA LEU A 215 21.53 13.84 12.97
C LEU A 215 20.49 13.24 13.87
N TYR A 216 19.27 13.06 13.34
CA TYR A 216 18.14 12.59 14.13
C TYR A 216 17.36 11.43 13.64
N LEU A 217 17.62 10.97 12.43
CA LEU A 217 16.90 9.83 11.86
C LEU A 217 15.43 9.83 12.26
N PRO A 218 14.68 10.90 11.91
CA PRO A 218 13.28 10.99 12.26
C PRO A 218 12.36 9.89 11.66
N ASP A 219 11.22 9.72 12.32
CA ASP A 219 10.23 8.74 11.94
C ASP A 219 9.35 9.20 10.84
N VAL A 220 9.37 10.50 10.63
CA VAL A 220 8.59 11.11 9.60
C VAL A 220 9.27 12.31 8.98
N LEU A 221 9.37 12.31 7.66
CA LEU A 221 9.90 13.44 6.95
C LEU A 221 8.64 14.17 6.46
N TRP A 222 8.30 15.26 7.11
CA TRP A 222 7.08 15.96 6.72
C TRP A 222 7.45 17.21 5.93
N ASN A 223 7.47 17.15 4.62
CA ASN A 223 7.80 18.36 3.86
C ASN A 223 6.58 19.26 3.63
N ASP A 224 6.81 20.52 3.38
CA ASP A 224 5.66 21.37 3.09
C ASP A 224 5.91 22.25 1.87
N MET A 225 4.81 22.62 1.22
CA MET A 225 4.90 23.54 0.12
C MET A 225 5.65 23.09 -1.13
N GLY A 226 5.72 21.79 -1.34
CA GLY A 226 6.37 21.27 -2.53
C GLY A 226 7.87 21.18 -2.42
N TRP A 227 8.51 20.46 -3.34
CA TRP A 227 9.98 20.38 -3.27
C TRP A 227 10.50 21.16 -4.46
N PRO A 228 11.60 21.93 -4.28
CA PRO A 228 12.14 22.71 -5.42
C PRO A 228 12.23 21.85 -6.68
N GLU A 229 11.64 22.34 -7.77
CA GLU A 229 11.61 21.63 -9.04
C GLU A 229 13.01 21.15 -9.43
N LYS A 230 14.02 22.00 -9.29
CA LYS A 230 15.36 21.61 -9.69
C LYS A 230 15.94 20.54 -8.84
N GLY A 231 15.31 20.25 -7.70
CA GLY A 231 15.83 19.22 -6.83
C GLY A 231 14.98 17.99 -6.74
N LYS A 232 13.88 17.93 -7.49
CA LYS A 232 13.01 16.75 -7.39
C LYS A 232 13.64 15.40 -7.68
N GLU A 233 14.52 15.32 -8.67
CA GLU A 233 15.21 14.07 -8.94
C GLU A 233 16.07 13.64 -7.73
N ASP A 234 16.45 14.59 -6.90
CA ASP A 234 17.24 14.31 -5.72
C ASP A 234 16.53 13.36 -4.73
N LEU A 235 15.20 13.47 -4.67
CA LEU A 235 14.41 12.69 -3.73
C LEU A 235 14.52 11.18 -3.93
N LYS A 236 14.74 10.72 -5.16
CA LYS A 236 14.92 9.30 -5.34
C LYS A 236 16.10 8.89 -4.42
N TYR A 237 17.22 9.57 -4.54
CA TYR A 237 18.38 9.29 -3.72
C TYR A 237 18.13 9.52 -2.25
N LEU A 238 17.47 10.64 -1.88
CA LEU A 238 17.23 10.94 -0.45
C LEU A 238 16.22 9.95 0.21
N PHE A 239 15.17 9.58 -0.53
CA PHE A 239 14.21 8.63 0.01
C PHE A 239 14.86 7.24 0.17
N ALA A 240 15.68 6.80 -0.77
CA ALA A 240 16.30 5.46 -0.67
C ALA A 240 17.31 5.42 0.47
N TYR A 241 18.00 6.54 0.63
CA TYR A 241 19.00 6.70 1.68
C TYR A 241 18.34 6.66 3.06
N TYR A 242 17.25 7.41 3.22
CA TYR A 242 16.51 7.47 4.44
C TYR A 242 15.90 6.09 4.81
N TYR A 243 15.18 5.48 3.87
CA TYR A 243 14.53 4.19 4.04
C TYR A 243 15.55 3.11 4.27
N ASN A 244 16.73 3.21 3.67
CA ASN A 244 17.69 2.16 3.96
C ASN A 244 18.28 2.34 5.36
N LYS A 245 18.26 3.53 5.93
CA LYS A 245 18.78 3.65 7.28
C LYS A 245 17.63 3.39 8.22
N HIS A 246 16.41 3.72 7.79
CA HIS A 246 15.25 3.61 8.65
C HIS A 246 14.01 3.09 7.97
N PRO A 247 13.97 1.78 7.70
CA PRO A 247 12.82 1.14 7.04
C PRO A 247 11.49 1.66 7.56
N GLU A 248 11.41 1.82 8.87
CA GLU A 248 10.22 2.29 9.54
C GLU A 248 9.95 3.77 9.39
N GLY A 249 10.87 4.52 8.78
CA GLY A 249 10.61 5.94 8.53
C GLY A 249 9.40 6.16 7.57
N SER A 250 8.86 7.39 7.46
CA SER A 250 7.74 7.69 6.57
C SER A 250 7.86 9.12 6.00
N VAL A 251 7.29 9.37 4.80
CA VAL A 251 7.33 10.69 4.19
C VAL A 251 5.91 11.04 3.76
N ASN A 252 5.60 12.34 3.68
CA ASN A 252 4.26 12.74 3.34
C ASN A 252 4.03 13.01 1.86
N ASP A 253 2.97 13.73 1.50
CA ASP A 253 2.70 13.90 0.08
C ASP A 253 2.84 15.33 -0.41
N ARG A 254 3.77 16.08 0.19
CA ARG A 254 3.95 17.45 -0.24
C ARG A 254 5.30 17.68 -0.91
N TRP A 255 5.77 16.71 -1.70
CA TRP A 255 7.06 16.84 -2.34
C TRP A 255 6.92 17.13 -3.82
N GLY A 256 5.75 16.82 -4.40
CA GLY A 256 5.55 16.98 -5.82
C GLY A 256 6.28 15.92 -6.63
N VAL A 257 6.51 14.73 -6.07
CA VAL A 257 7.11 13.61 -6.82
C VAL A 257 6.19 12.36 -6.70
N PRO A 258 6.44 11.34 -7.53
CA PRO A 258 5.64 10.13 -7.54
C PRO A 258 5.62 9.23 -6.30
N HIS A 259 6.05 9.68 -5.15
CA HIS A 259 6.02 8.75 -4.02
C HIS A 259 5.66 9.49 -2.72
N TRP A 260 5.05 8.75 -1.79
CA TRP A 260 4.62 9.26 -0.51
C TRP A 260 4.05 8.04 0.22
N ASP A 261 4.11 8.07 1.55
CA ASP A 261 3.61 7.00 2.39
C ASP A 261 2.19 7.30 2.92
N PHE A 262 1.77 8.56 2.88
CA PHE A 262 0.43 8.97 3.37
C PHE A 262 0.14 10.37 2.90
N LYS A 263 -1.12 10.61 2.60
CA LYS A 263 -1.51 11.91 2.10
C LYS A 263 -1.91 12.84 3.20
N THR A 264 -2.09 14.12 2.87
CA THR A 264 -2.45 15.06 3.90
C THR A 264 -3.63 15.95 3.51
N ALA A 265 -4.23 16.55 4.53
CA ALA A 265 -5.39 17.42 4.40
C ALA A 265 -5.16 18.54 5.46
N GLU A 266 -5.47 19.77 5.07
CA GLU A 266 -5.30 20.95 5.94
C GLU A 266 -6.67 21.73 6.14
N TYR A 267 -7.12 21.88 7.41
CA TYR A 267 -8.46 22.44 7.65
C TYR A 267 -9.44 21.84 6.56
N HIS A 268 -10.13 22.66 5.79
CA HIS A 268 -11.08 22.12 4.79
C HIS A 268 -10.54 21.42 3.58
N VAL A 269 -9.30 21.76 3.23
CA VAL A 269 -8.59 21.29 2.04
C VAL A 269 -8.12 19.86 2.01
N ASN A 270 -8.72 19.11 1.11
CA ASN A 270 -8.49 17.67 0.88
C ASN A 270 -9.03 16.76 1.97
N TYR A 271 -10.02 17.26 2.70
CA TYR A 271 -10.64 16.49 3.76
C TYR A 271 -11.65 15.54 3.09
N PRO A 272 -11.41 14.23 3.20
CA PRO A 272 -12.27 13.20 2.61
C PRO A 272 -13.71 13.15 3.15
N GLY A 273 -14.68 13.00 2.26
CA GLY A 273 -16.08 12.89 2.67
C GLY A 273 -16.40 11.49 3.15
N ASP A 274 -15.76 10.50 2.55
CA ASP A 274 -15.95 9.13 2.94
C ASP A 274 -14.58 8.45 2.87
N LEU A 275 -14.52 7.14 3.04
CA LEU A 275 -13.24 6.46 3.01
C LEU A 275 -12.39 6.65 1.72
N PRO A 276 -11.20 7.29 1.85
CA PRO A 276 -10.37 7.45 0.64
C PRO A 276 -9.72 6.06 0.49
N GLY A 277 -9.13 5.72 -0.64
CA GLY A 277 -8.58 4.38 -0.61
C GLY A 277 -7.13 4.21 -0.15
N TYR A 278 -6.66 5.19 0.64
CA TYR A 278 -5.27 5.26 1.07
C TYR A 278 -5.14 5.90 2.43
N LYS A 279 -3.97 5.74 3.02
CA LYS A 279 -3.63 6.31 4.31
C LYS A 279 -3.41 7.83 4.15
N TRP A 280 -3.93 8.57 5.14
CA TRP A 280 -3.87 10.03 5.19
C TRP A 280 -3.88 10.60 6.62
N GLU A 281 -3.55 11.89 6.70
CA GLU A 281 -3.43 12.60 7.97
C GLU A 281 -4.07 13.99 7.83
N PHE A 282 -4.90 14.34 8.81
CA PHE A 282 -5.56 15.62 8.87
C PHE A 282 -4.74 16.51 9.82
N THR A 283 -4.50 17.76 9.46
CA THR A 283 -3.77 18.66 10.35
C THR A 283 -4.52 20.00 10.43
N ARG A 284 -4.43 20.64 11.61
CA ARG A 284 -5.02 21.96 11.90
C ARG A 284 -4.49 22.42 13.24
N GLY A 285 -4.71 23.70 13.50
CA GLY A 285 -4.32 24.23 14.79
C GLY A 285 -5.52 23.97 15.72
N ILE A 286 -5.35 24.30 17.01
CA ILE A 286 -6.44 24.15 17.97
C ILE A 286 -7.34 25.36 17.64
N GLY A 287 -6.70 26.47 17.23
CA GLY A 287 -7.37 27.67 16.79
C GLY A 287 -7.28 27.71 15.28
N LEU A 288 -7.21 28.88 14.66
CA LEU A 288 -7.11 28.99 13.19
C LEU A 288 -5.67 29.05 12.61
N SER A 289 -4.70 29.25 13.53
CA SER A 289 -3.26 29.40 13.25
C SER A 289 -2.46 28.13 13.66
N PHE A 290 -1.22 28.01 13.12
CA PHE A 290 -0.33 26.94 13.53
C PHE A 290 0.60 27.63 14.51
N GLY A 291 1.14 28.77 14.09
CA GLY A 291 1.98 29.57 14.96
C GLY A 291 1.08 30.18 16.04
N TYR A 292 1.67 30.44 17.22
CA TYR A 292 0.92 31.02 18.34
C TYR A 292 0.33 32.38 17.95
N ASN A 293 -0.98 32.52 18.16
CA ASN A 293 -1.66 33.79 17.90
C ASN A 293 -2.25 34.32 19.24
N ARG A 294 -1.66 35.37 19.79
CA ARG A 294 -2.20 35.91 21.02
C ARG A 294 -3.62 36.48 20.76
N ASN A 295 -4.03 36.64 19.49
CA ASN A 295 -5.37 37.15 19.17
C ASN A 295 -6.47 36.11 19.20
N GLU A 296 -6.10 34.85 19.41
CA GLU A 296 -7.12 33.83 19.43
C GLU A 296 -7.60 33.65 20.84
N GLY A 297 -8.91 33.51 20.96
CA GLY A 297 -9.54 33.30 22.24
C GLY A 297 -10.26 31.99 22.02
N PRO A 298 -10.97 31.53 23.05
CA PRO A 298 -11.70 30.27 22.96
C PRO A 298 -12.72 30.20 21.86
N GLU A 299 -13.17 31.36 21.43
CA GLU A 299 -14.16 31.46 20.38
C GLU A 299 -13.56 31.07 19.02
N HIS A 300 -12.22 31.08 18.93
CA HIS A 300 -11.50 30.73 17.70
C HIS A 300 -10.98 29.27 17.77
N MET A 301 -11.08 28.63 18.93
CA MET A 301 -10.60 27.27 19.13
C MET A 301 -11.68 26.17 19.14
N LEU A 302 -11.24 24.91 19.04
CA LEU A 302 -12.14 23.75 19.09
C LEU A 302 -12.32 23.50 20.56
N SER A 303 -13.43 22.86 20.91
CA SER A 303 -13.65 22.54 22.30
C SER A 303 -13.24 21.06 22.45
N VAL A 304 -12.95 20.60 23.67
CA VAL A 304 -12.59 19.20 23.87
C VAL A 304 -13.61 18.29 23.15
N GLU A 305 -14.90 18.63 23.19
CA GLU A 305 -15.90 17.81 22.53
C GLU A 305 -15.62 17.75 21.03
N GLN A 306 -15.37 18.93 20.43
CA GLN A 306 -15.08 19.04 19.00
C GLN A 306 -13.82 18.33 18.57
N LEU A 307 -12.78 18.40 19.41
CA LEU A 307 -11.50 17.71 19.16
C LEU A 307 -11.74 16.22 19.04
N VAL A 308 -12.47 15.70 20.02
CA VAL A 308 -12.81 14.31 20.10
C VAL A 308 -13.62 13.92 18.86
N TYR A 309 -14.66 14.69 18.55
CA TYR A 309 -15.48 14.44 17.38
C TYR A 309 -14.61 14.48 16.14
N THR A 310 -13.64 15.39 16.10
CA THR A 310 -12.73 15.50 14.95
C THR A 310 -11.89 14.21 14.80
N LEU A 311 -11.18 13.86 15.86
CA LEU A 311 -10.38 12.67 15.85
C LEU A 311 -11.18 11.47 15.43
N VAL A 312 -12.37 11.30 16.00
CA VAL A 312 -13.16 10.12 15.69
C VAL A 312 -13.51 10.10 14.21
N ASP A 313 -13.97 11.24 13.69
CA ASP A 313 -14.33 11.27 12.30
C ASP A 313 -13.11 10.94 11.44
N VAL A 314 -11.95 11.55 11.73
CA VAL A 314 -10.74 11.32 10.92
C VAL A 314 -10.40 9.82 10.91
N VAL A 315 -10.25 9.29 12.12
CA VAL A 315 -9.90 7.92 12.37
C VAL A 315 -10.82 6.90 11.70
N SER A 316 -12.09 7.24 11.53
CA SER A 316 -13.07 6.33 10.94
C SER A 316 -12.97 6.30 9.44
N LYS A 317 -12.18 7.24 8.93
CA LYS A 317 -11.96 7.36 7.51
C LYS A 317 -10.49 6.98 7.20
N GLY A 318 -9.87 6.28 8.15
CA GLY A 318 -8.51 5.81 7.99
C GLY A 318 -7.42 6.86 8.15
N GLY A 319 -7.74 8.03 8.69
CA GLY A 319 -6.74 9.05 8.85
C GLY A 319 -6.12 9.05 10.23
N ASN A 320 -5.13 9.93 10.40
CA ASN A 320 -4.41 10.21 11.64
C ASN A 320 -4.71 11.72 11.88
N LEU A 321 -4.81 12.15 13.13
CA LEU A 321 -5.08 13.55 13.39
C LEU A 321 -3.73 14.08 13.76
N LEU A 322 -3.27 15.13 13.07
CA LEU A 322 -1.99 15.74 13.41
C LEU A 322 -2.29 17.11 13.96
N LEU A 323 -2.63 17.17 15.24
CA LEU A 323 -3.00 18.42 15.92
C LEU A 323 -1.83 19.29 16.25
N ASN A 324 -1.94 20.52 15.83
CA ASN A 324 -0.87 21.45 16.05
C ASN A 324 -0.96 22.24 17.35
N VAL A 325 0.19 22.47 17.97
CA VAL A 325 0.25 23.37 19.13
C VAL A 325 1.32 24.43 18.72
N GLY A 326 1.05 25.65 19.11
CA GLY A 326 1.92 26.73 18.77
C GLY A 326 2.34 27.41 20.02
N PRO A 327 3.53 27.09 20.55
CA PRO A 327 4.11 27.66 21.77
C PRO A 327 4.48 29.12 21.70
N LYS A 328 4.68 29.72 22.87
CA LYS A 328 5.12 31.09 22.97
C LYS A 328 6.62 31.20 22.74
N GLY A 329 7.03 32.38 22.40
CA GLY A 329 8.44 32.62 22.17
C GLY A 329 9.29 32.22 23.35
N ASP A 330 8.73 32.13 24.55
CA ASP A 330 9.53 31.76 25.71
C ASP A 330 9.62 30.26 26.02
N GLY A 331 8.96 29.45 25.19
CA GLY A 331 8.93 28.00 25.34
C GLY A 331 7.77 27.42 26.12
N THR A 332 6.79 28.24 26.44
CA THR A 332 5.66 27.75 27.22
C THR A 332 4.45 27.49 26.35
N ILE A 333 3.68 26.49 26.71
CA ILE A 333 2.51 26.21 25.92
C ILE A 333 1.25 26.90 26.50
N PRO A 334 0.65 27.84 25.74
CA PRO A 334 -0.55 28.59 26.16
C PRO A 334 -1.65 27.75 26.79
N ASP A 335 -2.09 28.17 27.98
CA ASP A 335 -3.14 27.51 28.78
C ASP A 335 -4.35 27.01 28.01
N LEU A 336 -4.88 27.85 27.15
CA LEU A 336 -6.03 27.45 26.37
C LEU A 336 -5.76 26.17 25.58
N GLN A 337 -4.54 26.08 25.04
CA GLN A 337 -4.10 24.98 24.23
C GLN A 337 -3.86 23.77 25.13
N LYS A 338 -3.17 24.01 26.24
CA LYS A 338 -2.86 22.96 27.20
C LYS A 338 -4.17 22.27 27.62
N GLU A 339 -5.21 23.06 27.92
CA GLU A 339 -6.52 22.56 28.40
C GLU A 339 -7.15 21.55 27.50
N ARG A 340 -7.20 21.94 26.24
CA ARG A 340 -7.76 21.13 25.22
C ARG A 340 -6.93 19.89 25.03
N LEU A 341 -5.62 20.00 25.21
CA LEU A 341 -4.83 18.81 25.02
C LEU A 341 -5.11 17.79 26.09
N LEU A 342 -5.22 18.28 27.34
CA LEU A 342 -5.44 17.42 28.50
C LEU A 342 -6.86 16.83 28.45
N GLY A 343 -7.80 17.55 27.86
CA GLY A 343 -9.15 17.02 27.78
C GLY A 343 -9.32 15.86 26.80
N LEU A 344 -8.62 15.99 25.68
CA LEU A 344 -8.63 14.97 24.66
C LEU A 344 -7.93 13.78 25.28
N GLY A 345 -6.83 14.06 25.98
CA GLY A 345 -6.07 13.01 26.61
C GLY A 345 -6.92 12.18 27.55
N GLU A 346 -7.76 12.86 28.32
CA GLU A 346 -8.66 12.20 29.23
C GLU A 346 -9.64 11.32 28.48
N TRP A 347 -10.14 11.77 27.34
CA TRP A 347 -11.08 10.94 26.61
C TRP A 347 -10.38 9.76 25.97
N LEU A 348 -9.12 9.95 25.55
CA LEU A 348 -8.39 8.88 24.92
C LEU A 348 -8.06 7.85 25.99
N ARG A 349 -7.85 8.32 27.21
CA ARG A 349 -7.55 7.40 28.31
C ARG A 349 -8.73 6.45 28.48
N LYS A 350 -9.94 6.92 28.27
CA LYS A 350 -11.13 6.09 28.42
C LYS A 350 -11.49 5.22 27.23
N TYR A 351 -11.49 5.84 26.04
CA TYR A 351 -11.92 5.16 24.84
C TYR A 351 -10.80 4.76 23.87
N GLY A 352 -9.55 4.96 24.34
CA GLY A 352 -8.40 4.65 23.52
C GLY A 352 -8.53 3.40 22.68
N ASP A 353 -9.00 2.37 23.34
CA ASP A 353 -9.19 1.05 22.79
C ASP A 353 -10.12 1.04 21.56
N ALA A 354 -10.96 2.07 21.35
CA ALA A 354 -11.80 2.09 20.12
C ALA A 354 -11.12 2.97 19.05
N ILE A 355 -9.89 3.44 19.33
CA ILE A 355 -9.18 4.29 18.41
C ILE A 355 -7.81 3.74 17.93
N TYR A 356 -6.86 3.71 18.88
CA TYR A 356 -5.51 3.23 18.60
C TYR A 356 -5.61 1.85 18.04
N GLY A 357 -4.72 1.55 17.10
CA GLY A 357 -4.67 0.24 16.49
C GLY A 357 -5.90 -0.20 15.75
N THR A 358 -6.81 0.70 15.40
CA THR A 358 -7.99 0.25 14.65
C THR A 358 -7.80 0.32 13.15
N SER A 359 -8.77 -0.26 12.45
CA SER A 359 -8.90 -0.30 10.99
C SER A 359 -10.25 0.20 10.58
N VAL A 360 -10.34 0.71 9.37
CA VAL A 360 -11.64 1.17 8.94
C VAL A 360 -12.58 -0.02 8.76
N TRP A 361 -13.87 0.26 8.82
CA TRP A 361 -14.90 -0.76 8.65
C TRP A 361 -15.41 -0.64 7.22
N GLU A 362 -16.56 -1.24 6.92
CA GLU A 362 -17.13 -1.15 5.59
C GLU A 362 -17.57 0.28 5.25
N ARG A 363 -18.03 1.01 6.25
CA ARG A 363 -18.45 2.36 6.05
C ARG A 363 -17.96 3.07 7.27
N CYS A 364 -17.78 4.36 7.14
CA CYS A 364 -17.28 5.21 8.22
C CYS A 364 -18.41 5.78 9.09
N CYS A 365 -19.55 5.96 8.45
CA CYS A 365 -20.57 6.73 9.06
C CYS A 365 -21.97 6.22 9.05
N ALA A 366 -22.77 6.78 9.95
CA ALA A 366 -24.16 6.45 10.13
C ALA A 366 -24.72 7.55 11.03
N LYS A 367 -26.04 7.71 11.09
CA LYS A 367 -26.63 8.71 11.98
C LYS A 367 -27.84 8.07 12.66
N THR A 368 -28.25 8.62 13.82
CA THR A 368 -29.43 8.11 14.52
C THR A 368 -30.67 8.83 13.98
N GLU A 369 -31.82 8.18 14.13
CA GLU A 369 -33.10 8.71 13.69
C GLU A 369 -33.21 10.22 14.01
N ASP A 370 -32.77 10.59 15.20
CA ASP A 370 -32.84 11.98 15.64
C ASP A 370 -31.60 12.82 15.40
N GLY A 371 -30.84 12.42 14.38
CA GLY A 371 -29.66 13.18 13.95
C GLY A 371 -28.32 13.13 14.63
N THR A 372 -28.11 12.17 15.51
CA THR A 372 -26.81 12.07 16.16
C THR A 372 -25.90 11.30 15.18
N GLU A 373 -24.77 11.92 14.85
CA GLU A 373 -23.83 11.31 13.93
C GLU A 373 -23.10 10.16 14.61
N ILE A 374 -22.86 9.11 13.84
CA ILE A 374 -22.21 7.93 14.33
C ILE A 374 -21.02 7.54 13.46
N ARG A 375 -19.91 7.17 14.09
CA ARG A 375 -18.71 6.78 13.36
C ARG A 375 -18.31 5.36 13.74
N PHE A 376 -17.64 4.64 12.85
CA PHE A 376 -17.19 3.27 13.13
C PHE A 376 -15.69 2.99 12.92
N THR A 377 -15.13 2.10 13.73
CA THR A 377 -13.77 1.66 13.59
C THR A 377 -13.85 0.16 13.88
N ARG A 378 -12.83 -0.61 13.51
CA ARG A 378 -12.86 -2.05 13.75
C ARG A 378 -11.52 -2.56 14.23
N LYS A 379 -11.56 -3.71 14.90
CA LYS A 379 -10.38 -4.42 15.39
C LYS A 379 -10.72 -5.90 15.26
N CYS A 380 -10.49 -6.42 14.07
CA CYS A 380 -10.77 -7.81 13.82
C CYS A 380 -12.24 -8.00 13.76
N ASN A 381 -12.74 -8.91 14.59
CA ASN A 381 -14.17 -9.20 14.66
C ASN A 381 -14.96 -8.06 15.35
N ARG A 382 -14.31 -7.32 16.27
CA ARG A 382 -14.90 -6.19 17.02
C ARG A 382 -15.18 -4.88 16.26
N ILE A 383 -16.44 -4.43 16.25
CA ILE A 383 -16.80 -3.18 15.61
C ILE A 383 -17.21 -2.11 16.60
N PHE A 384 -16.43 -1.05 16.69
CA PHE A 384 -16.75 0.02 17.62
C PHE A 384 -17.77 0.97 17.01
N VAL A 385 -18.79 1.33 17.79
CA VAL A 385 -19.85 2.22 17.33
C VAL A 385 -19.79 3.48 18.18
N ILE A 386 -19.17 4.54 17.64
CA ILE A 386 -18.97 5.80 18.34
C ILE A 386 -19.95 6.89 17.92
N PHE A 387 -20.79 7.28 18.89
CA PHE A 387 -21.80 8.33 18.70
C PHE A 387 -21.09 9.66 18.96
N LEU A 388 -21.32 10.65 18.10
CA LEU A 388 -20.68 11.94 18.33
C LEU A 388 -21.65 12.66 19.28
N GLY A 389 -21.60 12.19 20.52
CA GLY A 389 -22.46 12.66 21.58
C GLY A 389 -23.17 11.52 22.28
N ILE A 390 -23.96 11.85 23.30
CA ILE A 390 -24.70 10.85 24.10
C ILE A 390 -26.18 11.07 24.03
N PRO A 391 -26.91 10.14 23.40
CA PRO A 391 -28.36 10.24 23.28
C PRO A 391 -28.99 10.29 24.66
N THR A 392 -30.15 10.94 24.75
CA THR A 392 -30.90 11.11 26.00
C THR A 392 -31.88 9.95 26.26
N GLY A 393 -32.45 9.40 25.19
CA GLY A 393 -33.37 8.30 25.40
C GLY A 393 -32.68 6.95 25.37
N GLU A 394 -33.37 5.93 25.87
CA GLU A 394 -32.78 4.61 25.91
C GLU A 394 -32.97 3.86 24.61
N LYS A 395 -34.02 4.16 23.87
CA LYS A 395 -34.25 3.49 22.59
C LYS A 395 -33.49 4.27 21.53
N ILE A 396 -32.58 3.57 20.88
CA ILE A 396 -31.79 4.22 19.89
C ILE A 396 -32.05 3.58 18.52
N VAL A 397 -32.31 4.44 17.53
CA VAL A 397 -32.57 3.97 16.18
C VAL A 397 -31.46 4.49 15.29
N ILE A 398 -30.71 3.56 14.72
CA ILE A 398 -29.60 3.88 13.85
C ILE A 398 -30.11 3.73 12.45
N GLU A 399 -30.12 4.86 11.71
CA GLU A 399 -30.60 4.90 10.34
C GLU A 399 -29.70 4.26 9.29
N ASP A 400 -30.26 3.21 8.66
CA ASP A 400 -29.65 2.44 7.59
C ASP A 400 -28.49 1.54 7.96
N LEU A 401 -28.62 0.83 9.08
CA LEU A 401 -27.59 -0.10 9.51
C LEU A 401 -28.29 -1.43 9.77
N ASN A 402 -27.58 -2.53 9.68
CA ASN A 402 -28.17 -3.83 9.97
C ASN A 402 -26.98 -4.66 10.48
N LEU A 403 -27.10 -5.23 11.68
CA LEU A 403 -25.97 -6.00 12.22
C LEU A 403 -26.17 -7.47 12.11
N SER A 404 -25.26 -8.13 11.42
CA SER A 404 -25.37 -9.56 11.26
C SER A 404 -24.67 -10.25 12.42
N ALA A 405 -24.17 -9.44 13.36
CA ALA A 405 -23.43 -9.93 14.56
C ALA A 405 -24.23 -10.89 15.46
N GLY A 406 -24.27 -10.58 16.74
CA GLY A 406 -25.00 -11.46 17.63
C GLY A 406 -24.99 -10.78 18.95
N THR A 407 -23.82 -10.33 19.36
CA THR A 407 -23.68 -9.63 20.63
C THR A 407 -23.23 -8.17 20.51
N VAL A 408 -24.07 -7.23 20.95
CA VAL A 408 -23.73 -5.81 20.96
C VAL A 408 -23.57 -5.42 22.43
N ARG A 409 -22.41 -4.91 22.82
CA ARG A 409 -22.17 -4.54 24.22
C ARG A 409 -21.96 -3.06 24.39
N HIS A 410 -22.07 -2.59 25.64
CA HIS A 410 -21.81 -1.18 26.01
C HIS A 410 -20.30 -1.24 26.24
N PHE A 411 -19.54 -0.51 25.44
CA PHE A 411 -18.09 -0.54 25.49
C PHE A 411 -17.51 -0.22 26.88
N LEU A 412 -17.92 0.87 27.49
CA LEU A 412 -17.34 1.16 28.79
C LEU A 412 -17.49 0.09 29.89
N THR A 413 -18.72 -0.42 30.08
CA THR A 413 -19.02 -1.40 31.13
C THR A 413 -18.92 -2.86 30.71
N GLY A 414 -19.30 -3.16 29.47
CA GLY A 414 -19.27 -4.53 29.03
C GLY A 414 -20.70 -5.04 28.89
N GLU A 415 -21.64 -4.40 29.58
CA GLU A 415 -23.04 -4.82 29.55
C GLU A 415 -23.50 -5.18 28.16
N ARG A 416 -23.95 -6.41 28.00
CA ARG A 416 -24.45 -6.90 26.73
C ARG A 416 -25.73 -6.10 26.57
N LEU A 417 -26.15 -5.81 25.36
CA LEU A 417 -27.39 -5.02 25.22
C LEU A 417 -28.38 -5.64 24.22
N SER A 418 -29.61 -5.14 24.29
CA SER A 418 -30.70 -5.63 23.49
C SER A 418 -30.84 -4.92 22.13
N PHE A 419 -30.68 -5.65 21.03
CA PHE A 419 -30.80 -5.05 19.71
C PHE A 419 -31.65 -5.89 18.75
N LYS A 420 -32.23 -5.20 17.77
CA LYS A 420 -33.12 -5.82 16.82
C LYS A 420 -33.01 -5.08 15.51
N ASN A 421 -32.83 -5.83 14.42
CA ASN A 421 -32.73 -5.31 13.05
C ASN A 421 -34.16 -5.00 12.57
N VAL A 422 -34.60 -3.75 12.71
CA VAL A 422 -35.93 -3.37 12.29
C VAL A 422 -35.92 -2.72 10.88
N GLY A 423 -35.90 -3.56 9.84
CA GLY A 423 -35.91 -3.07 8.48
C GLY A 423 -34.55 -2.56 8.03
N LYS A 424 -34.54 -1.33 7.53
CA LYS A 424 -33.32 -0.69 7.04
C LYS A 424 -32.60 -0.03 8.22
N ASN A 425 -33.07 -0.31 9.43
CA ASN A 425 -32.48 0.25 10.62
C ASN A 425 -32.09 -0.81 11.62
N LEU A 426 -31.35 -0.37 12.63
CA LEU A 426 -30.91 -1.20 13.73
C LEU A 426 -31.41 -0.51 15.00
N GLU A 427 -32.12 -1.22 15.86
CA GLU A 427 -32.61 -0.60 17.09
C GLU A 427 -31.90 -1.20 18.28
N ILE A 428 -31.62 -0.38 19.28
CA ILE A 428 -30.88 -0.81 20.47
C ILE A 428 -31.36 -0.03 21.67
N THR A 429 -31.37 -0.71 22.82
CA THR A 429 -31.80 -0.10 24.07
C THR A 429 -30.59 0.04 24.96
N VAL A 430 -30.26 1.27 25.31
CA VAL A 430 -29.10 1.48 26.15
C VAL A 430 -29.59 2.13 27.41
N PRO A 431 -29.63 1.35 28.48
CA PRO A 431 -30.07 1.73 29.81
C PRO A 431 -29.46 3.04 30.17
N LYS A 432 -30.23 3.90 30.84
CA LYS A 432 -29.73 5.21 31.20
C LYS A 432 -28.58 5.18 32.18
N LYS A 433 -28.50 4.14 33.00
CA LYS A 433 -27.39 4.09 33.93
C LYS A 433 -26.10 3.99 33.13
N LEU A 434 -26.16 3.41 31.93
CA LEU A 434 -24.98 3.29 31.11
C LEU A 434 -24.73 4.60 30.34
N LEU A 435 -25.75 5.09 29.65
CA LEU A 435 -25.60 6.36 28.94
C LEU A 435 -24.99 7.37 29.91
N GLU A 436 -25.25 7.18 31.19
CA GLU A 436 -24.73 8.14 32.13
C GLU A 436 -23.34 7.97 32.53
N THR A 437 -22.72 6.88 32.12
CA THR A 437 -21.34 6.70 32.45
C THR A 437 -20.41 7.17 31.33
N ASP A 438 -20.93 7.31 30.13
CA ASP A 438 -20.07 7.70 29.02
C ASP A 438 -19.58 9.12 29.21
N SER A 439 -18.48 9.47 28.54
CA SER A 439 -17.98 10.81 28.72
C SER A 439 -18.41 11.83 27.65
N ILE A 440 -18.02 11.67 26.39
CA ILE A 440 -18.44 12.71 25.42
C ILE A 440 -19.09 11.94 24.33
N THR A 441 -18.80 10.66 24.38
CA THR A 441 -19.30 9.77 23.36
C THR A 441 -19.88 8.46 23.92
N LEU A 442 -21.04 8.09 23.40
CA LEU A 442 -21.64 6.83 23.77
C LEU A 442 -20.88 5.93 22.80
N VAL A 443 -20.26 4.89 23.35
CA VAL A 443 -19.52 3.95 22.51
C VAL A 443 -19.99 2.54 22.74
N LEU A 444 -20.44 1.91 21.65
CA LEU A 444 -20.89 0.52 21.66
C LEU A 444 -19.88 -0.33 20.90
N GLU A 445 -19.88 -1.61 21.21
CA GLU A 445 -18.95 -2.54 20.62
C GLU A 445 -19.71 -3.73 20.11
N ALA A 446 -19.72 -3.96 18.79
CA ALA A 446 -20.46 -5.10 18.22
C ALA A 446 -19.46 -6.21 17.99
N VAL A 447 -19.88 -7.45 18.02
CA VAL A 447 -18.95 -8.56 17.81
C VAL A 447 -19.59 -9.68 16.99
N GLU A 448 -18.76 -10.58 16.47
CA GLU A 448 -19.28 -11.68 15.65
C GLU A 448 -18.75 -13.07 16.07
N ARG B 7 -11.84 9.16 -8.46
CA ARG B 7 -11.31 9.48 -9.84
C ARG B 7 -9.81 9.58 -9.75
N TYR B 8 -9.11 8.81 -10.57
CA TYR B 8 -7.66 8.87 -10.55
C TYR B 8 -7.29 9.81 -11.67
N LYS B 9 -6.20 10.57 -11.50
CA LYS B 9 -5.75 11.49 -12.52
C LYS B 9 -4.63 10.80 -13.24
N PRO B 10 -4.37 11.19 -14.49
CA PRO B 10 -3.30 10.51 -15.20
C PRO B 10 -1.89 10.93 -14.81
N ASP B 11 -1.54 10.61 -13.61
CA ASP B 11 -0.19 10.88 -13.20
C ASP B 11 0.22 9.97 -12.05
N TRP B 12 1.49 9.59 -12.08
CA TRP B 12 2.06 8.65 -11.14
C TRP B 12 1.76 8.95 -9.68
N GLU B 13 1.91 10.20 -9.24
CA GLU B 13 1.65 10.54 -7.85
C GLU B 13 0.22 10.17 -7.50
N SER B 14 -0.69 10.53 -8.37
CA SER B 14 -2.09 10.25 -8.17
C SER B 14 -2.42 8.74 -8.24
N LEU B 15 -1.92 8.06 -9.28
CA LEU B 15 -2.17 6.64 -9.46
C LEU B 15 -1.71 5.82 -8.29
N ARG B 16 -0.80 6.36 -7.49
CA ARG B 16 -0.30 5.63 -6.32
C ARG B 16 -1.40 5.41 -5.26
N GLU B 17 -2.44 6.24 -5.30
CA GLU B 17 -3.61 6.13 -4.42
C GLU B 17 -4.34 4.77 -4.62
N HIS B 18 -4.05 4.12 -5.75
CA HIS B 18 -4.61 2.83 -6.04
C HIS B 18 -3.70 1.72 -5.57
N THR B 19 -4.16 0.93 -4.63
CA THR B 19 -3.33 -0.17 -4.17
C THR B 19 -3.93 -1.52 -4.46
N VAL B 20 -3.13 -2.55 -4.29
CA VAL B 20 -3.65 -3.85 -4.65
C VAL B 20 -5.05 -4.01 -4.03
N PRO B 21 -6.05 -4.41 -4.83
CA PRO B 21 -7.45 -4.62 -4.41
C PRO B 21 -7.47 -5.73 -3.35
N LYS B 22 -8.42 -5.69 -2.43
CA LYS B 22 -8.57 -6.70 -1.36
C LYS B 22 -8.83 -8.12 -1.91
N TRP B 23 -9.58 -8.22 -3.01
CA TRP B 23 -9.85 -9.54 -3.57
C TRP B 23 -8.58 -10.24 -4.00
N PHE B 24 -7.64 -9.46 -4.50
CA PHE B 24 -6.38 -10.00 -4.97
C PHE B 24 -5.51 -10.49 -3.82
N ASP B 25 -5.48 -9.70 -2.75
CA ASP B 25 -4.68 -10.07 -1.60
C ASP B 25 -5.23 -11.40 -1.02
N LYS B 26 -6.56 -11.50 -0.93
CA LYS B 26 -7.26 -12.65 -0.36
C LYS B 26 -7.27 -13.94 -1.17
N ALA B 27 -7.51 -13.85 -2.48
CA ALA B 27 -7.48 -15.03 -3.34
C ALA B 27 -6.02 -15.38 -3.21
N LYS B 28 -5.59 -16.60 -3.31
CA LYS B 28 -4.12 -16.73 -3.07
C LYS B 28 -3.52 -17.54 -4.14
N PHE B 29 -4.40 -17.99 -5.02
CA PHE B 29 -4.11 -18.88 -6.10
C PHE B 29 -4.88 -18.48 -7.37
N GLY B 30 -4.14 -18.40 -8.48
CA GLY B 30 -4.75 -18.12 -9.77
C GLY B 30 -4.17 -19.05 -10.83
N ILE B 31 -4.91 -19.22 -11.92
CA ILE B 31 -4.47 -20.04 -13.04
C ILE B 31 -4.11 -19.13 -14.23
N PHE B 32 -2.89 -19.36 -14.75
CA PHE B 32 -2.26 -18.69 -15.91
C PHE B 32 -2.47 -19.70 -17.06
N ILE B 33 -2.74 -19.21 -18.26
CA ILE B 33 -2.91 -20.09 -19.41
C ILE B 33 -2.11 -19.63 -20.60
N HIS B 34 -1.04 -20.33 -20.91
CA HIS B 34 -0.31 -19.98 -22.11
C HIS B 34 -0.86 -20.86 -23.21
N TRP B 35 -1.68 -20.27 -24.06
CA TRP B 35 -2.33 -20.96 -25.18
C TRP B 35 -2.18 -20.18 -26.44
N GLY B 36 -1.77 -20.88 -27.48
CA GLY B 36 -1.59 -20.25 -28.77
C GLY B 36 -1.20 -21.16 -29.91
N ILE B 37 -0.70 -20.58 -30.99
CA ILE B 37 -0.38 -21.43 -32.12
C ILE B 37 0.91 -22.21 -31.84
N TYR B 38 1.59 -21.83 -30.78
CA TYR B 38 2.80 -22.51 -30.44
C TYR B 38 2.33 -23.78 -29.78
N SER B 39 1.08 -23.80 -29.31
CA SER B 39 0.55 -25.01 -28.68
C SER B 39 0.45 -26.22 -29.66
N VAL B 40 0.41 -25.91 -30.96
CA VAL B 40 0.31 -26.96 -31.93
C VAL B 40 1.66 -27.73 -31.96
N PRO B 41 2.75 -27.11 -32.39
CA PRO B 41 3.90 -28.03 -32.32
C PRO B 41 4.13 -28.60 -30.91
N GLY B 42 3.66 -27.88 -29.87
CA GLY B 42 3.87 -28.28 -28.49
C GLY B 42 5.22 -28.95 -28.20
N TRP B 43 6.32 -28.33 -28.59
CA TRP B 43 7.62 -28.94 -28.39
C TRP B 43 8.73 -27.98 -27.88
N ALA B 44 9.53 -28.44 -26.90
CA ALA B 44 10.69 -27.69 -26.36
C ALA B 44 11.64 -28.69 -25.70
N THR B 45 12.91 -28.34 -25.58
CA THR B 45 13.84 -29.24 -24.89
C THR B 45 13.73 -28.85 -23.38
N PRO B 46 13.30 -29.76 -22.47
CA PRO B 46 13.15 -29.50 -21.02
C PRO B 46 14.47 -29.25 -20.26
N THR B 47 15.26 -28.29 -20.72
CA THR B 47 16.54 -28.04 -20.16
C THR B 47 16.62 -27.78 -18.65
N GLY B 48 15.60 -27.13 -18.08
CA GLY B 48 15.68 -26.83 -16.66
C GLY B 48 14.93 -25.58 -16.27
N GLU B 49 15.06 -25.19 -15.00
CA GLU B 49 14.33 -24.03 -14.47
C GLU B 49 15.03 -22.69 -14.65
N LEU B 50 14.24 -21.64 -14.90
CA LEU B 50 14.80 -20.30 -15.09
C LEU B 50 15.54 -19.88 -13.81
N GLY B 51 16.78 -19.47 -13.96
CA GLY B 51 17.56 -19.08 -12.81
C GLY B 51 18.56 -20.15 -12.50
N LYS B 52 18.41 -21.36 -13.07
CA LYS B 52 19.37 -22.45 -12.85
C LYS B 52 20.13 -22.74 -14.14
N VAL B 53 19.48 -22.50 -15.28
CA VAL B 53 20.11 -22.72 -16.58
C VAL B 53 20.96 -21.52 -17.01
N PRO B 54 22.26 -21.73 -17.26
CA PRO B 54 23.10 -20.61 -17.69
C PRO B 54 22.52 -19.87 -18.95
N MET B 55 22.41 -18.55 -18.85
CA MET B 55 21.88 -17.74 -19.94
C MET B 55 22.60 -17.72 -21.31
N ASP B 56 23.82 -18.24 -21.38
CA ASP B 56 24.62 -18.34 -22.62
C ASP B 56 24.04 -19.43 -23.49
N ALA B 57 23.38 -20.39 -22.84
CA ALA B 57 22.78 -21.50 -23.56
C ALA B 57 21.23 -21.41 -23.58
N TRP B 58 20.65 -20.84 -22.50
CA TRP B 58 19.21 -20.74 -22.35
C TRP B 58 18.40 -20.59 -23.63
N PHE B 59 18.74 -19.62 -24.51
CA PHE B 59 17.93 -19.39 -25.71
C PHE B 59 18.03 -20.41 -26.78
N PHE B 60 19.11 -21.19 -26.70
CA PHE B 60 19.44 -22.24 -27.64
C PHE B 60 18.82 -23.53 -27.25
N GLN B 61 18.44 -23.65 -25.99
CA GLN B 61 17.81 -24.88 -25.52
C GLN B 61 16.69 -24.42 -24.59
N ASN B 62 15.86 -23.54 -25.12
CA ASN B 62 14.78 -22.95 -24.42
C ASN B 62 13.75 -23.93 -23.89
N PRO B 63 13.67 -24.08 -22.55
CA PRO B 63 12.67 -25.00 -22.01
C PRO B 63 11.21 -24.47 -22.20
N TYR B 64 11.07 -23.18 -22.56
CA TYR B 64 9.75 -22.53 -22.78
C TYR B 64 9.23 -22.80 -24.19
N ALA B 65 8.28 -23.73 -24.31
CA ALA B 65 7.69 -24.09 -25.60
C ALA B 65 7.01 -22.93 -26.31
N GLU B 66 6.42 -21.96 -25.58
CA GLU B 66 5.81 -20.75 -26.26
C GLU B 66 6.91 -20.02 -27.06
N TRP B 67 8.17 -20.27 -26.73
CA TRP B 67 9.25 -19.60 -27.41
C TRP B 67 9.65 -20.33 -28.68
N TYR B 68 8.84 -21.28 -29.11
CA TYR B 68 9.09 -22.04 -30.34
C TYR B 68 9.55 -21.22 -31.57
N GLU B 69 8.83 -20.17 -31.93
CA GLU B 69 9.23 -19.33 -33.06
C GLU B 69 10.64 -18.72 -32.86
N ASN B 70 10.88 -18.10 -31.71
CA ASN B 70 12.22 -17.61 -31.49
C ASN B 70 13.30 -18.73 -31.71
N SER B 71 13.07 -19.89 -31.07
CA SER B 71 13.95 -21.06 -31.17
C SER B 71 14.05 -21.48 -32.62
N LEU B 72 12.91 -21.59 -33.30
CA LEU B 72 12.92 -21.94 -34.71
C LEU B 72 13.73 -20.95 -35.60
N ARG B 73 13.80 -19.67 -35.18
CA ARG B 73 14.53 -18.65 -35.93
C ARG B 73 16.03 -18.81 -35.79
N ILE B 74 16.43 -19.61 -34.78
CA ILE B 74 17.84 -19.91 -34.54
C ILE B 74 18.12 -21.22 -35.28
N LYS B 75 18.65 -21.09 -36.48
CA LYS B 75 18.98 -22.25 -37.33
C LYS B 75 19.87 -23.25 -36.54
N GLU B 76 19.65 -24.55 -36.71
CA GLU B 76 20.53 -25.47 -35.97
C GLU B 76 20.45 -25.14 -34.47
N SER B 77 19.33 -25.53 -33.91
CA SER B 77 19.08 -25.42 -32.49
C SER B 77 18.16 -26.66 -32.39
N PRO B 78 17.99 -27.19 -31.19
CA PRO B 78 17.10 -28.34 -31.22
C PRO B 78 15.75 -28.09 -31.96
N THR B 79 15.06 -26.99 -31.68
CA THR B 79 13.79 -26.75 -32.33
C THR B 79 13.87 -26.72 -33.85
N TRP B 80 14.90 -26.10 -34.38
CA TRP B 80 15.03 -26.00 -35.81
C TRP B 80 15.11 -27.39 -36.41
N GLU B 81 15.94 -28.24 -35.80
CA GLU B 81 16.14 -29.62 -36.22
C GLU B 81 14.81 -30.38 -36.14
N TYR B 82 14.09 -30.21 -35.04
CA TYR B 82 12.83 -30.86 -34.88
C TYR B 82 11.78 -30.39 -35.90
N HIS B 83 11.78 -29.09 -36.16
CA HIS B 83 10.80 -28.51 -37.06
C HIS B 83 11.00 -29.06 -38.50
N VAL B 84 12.25 -29.03 -38.97
CA VAL B 84 12.60 -29.50 -40.29
C VAL B 84 12.18 -30.96 -40.46
N LYS B 85 12.57 -31.80 -39.52
CA LYS B 85 12.24 -33.21 -39.57
C LYS B 85 10.73 -33.53 -39.54
N THR B 86 9.98 -32.78 -38.73
CA THR B 86 8.55 -32.97 -38.53
C THR B 86 7.64 -32.19 -39.49
N TYR B 87 7.98 -30.94 -39.77
CA TYR B 87 7.12 -30.17 -40.61
C TYR B 87 7.72 -29.77 -41.93
N GLY B 88 9.05 -29.78 -42.01
CA GLY B 88 9.72 -29.39 -43.24
C GLY B 88 10.19 -27.95 -43.21
N GLU B 89 11.16 -27.64 -44.06
CA GLU B 89 11.68 -26.28 -44.15
C GLU B 89 10.73 -25.23 -44.74
N ASN B 90 9.94 -25.64 -45.74
CA ASN B 90 8.97 -24.76 -46.38
C ASN B 90 7.62 -24.81 -45.61
N PHE B 91 7.77 -24.76 -44.28
CA PHE B 91 6.65 -24.77 -43.37
C PHE B 91 6.89 -23.62 -42.38
N GLU B 92 6.48 -22.39 -42.74
CA GLU B 92 6.65 -21.21 -41.86
C GLU B 92 5.84 -21.31 -40.57
N TYR B 93 6.42 -20.78 -39.49
CA TYR B 93 5.78 -20.74 -38.18
C TYR B 93 4.30 -20.25 -38.18
N GLU B 94 3.99 -19.21 -38.95
CA GLU B 94 2.65 -18.62 -39.06
C GLU B 94 1.62 -19.66 -39.47
N LYS B 95 2.05 -20.63 -40.28
CA LYS B 95 1.21 -21.71 -40.82
C LYS B 95 0.46 -22.41 -39.68
N PHE B 96 1.01 -22.36 -38.46
CA PHE B 96 0.37 -22.95 -37.28
C PHE B 96 -0.88 -22.23 -36.90
N ALA B 97 -1.04 -20.96 -37.27
CA ALA B 97 -2.33 -20.24 -36.97
C ALA B 97 -3.52 -21.00 -37.64
N ASP B 98 -3.27 -21.59 -38.81
CA ASP B 98 -4.33 -22.32 -39.52
C ASP B 98 -4.55 -23.73 -39.00
N LEU B 99 -3.56 -24.27 -38.28
CA LEU B 99 -3.69 -25.61 -37.70
C LEU B 99 -4.27 -25.47 -36.28
N PHE B 100 -4.16 -24.30 -35.69
CA PHE B 100 -4.68 -24.10 -34.35
C PHE B 100 -6.25 -24.07 -34.28
N THR B 101 -6.90 -25.22 -34.34
CA THR B 101 -8.37 -25.20 -34.35
C THR B 101 -9.20 -25.36 -33.06
N ALA B 102 -8.57 -25.61 -31.91
CA ALA B 102 -9.34 -25.73 -30.64
C ALA B 102 -10.56 -26.64 -30.79
N GLU B 103 -10.42 -27.59 -31.71
CA GLU B 103 -11.47 -28.57 -32.02
C GLU B 103 -12.21 -29.10 -30.75
N LYS B 104 -11.47 -29.51 -29.74
CA LYS B 104 -12.04 -30.04 -28.52
C LYS B 104 -12.22 -29.11 -27.34
N TRP B 105 -12.16 -27.80 -27.59
CA TRP B 105 -12.29 -26.80 -26.56
C TRP B 105 -13.68 -26.53 -26.03
N ASP B 106 -13.80 -26.41 -24.72
CA ASP B 106 -15.07 -26.08 -24.08
C ASP B 106 -14.71 -25.17 -22.89
N PRO B 107 -14.84 -23.85 -23.07
CA PRO B 107 -14.47 -22.98 -21.96
C PRO B 107 -15.08 -23.26 -20.58
N GLN B 108 -16.26 -23.85 -20.56
CA GLN B 108 -16.93 -24.15 -19.28
C GLN B 108 -16.28 -25.30 -18.52
N GLU B 109 -15.81 -26.34 -19.21
CA GLU B 109 -15.09 -27.42 -18.54
C GLU B 109 -13.76 -26.87 -17.91
N TRP B 110 -13.11 -25.89 -18.58
CA TRP B 110 -11.88 -25.26 -18.12
C TRP B 110 -12.13 -24.49 -16.81
N ALA B 111 -13.16 -23.64 -16.89
CA ALA B 111 -13.56 -22.84 -15.76
C ALA B 111 -13.92 -23.78 -14.60
N ASP B 112 -14.72 -24.79 -14.91
CA ASP B 112 -15.12 -25.76 -13.92
C ASP B 112 -13.93 -26.42 -13.21
N LEU B 113 -12.93 -26.78 -13.99
CA LEU B 113 -11.72 -27.38 -13.51
C LEU B 113 -10.88 -26.39 -12.64
N PHE B 114 -10.70 -25.13 -13.07
CA PHE B 114 -9.87 -24.16 -12.29
C PHE B 114 -10.56 -23.83 -10.97
N LYS B 115 -11.89 -23.94 -10.98
CA LYS B 115 -12.63 -23.75 -9.78
C LYS B 115 -12.46 -24.98 -8.86
N LYS B 116 -12.52 -26.20 -9.40
CA LYS B 116 -12.34 -27.39 -8.54
C LYS B 116 -10.91 -27.44 -8.02
N ALA B 117 -10.00 -26.81 -8.76
CA ALA B 117 -8.60 -26.76 -8.43
C ALA B 117 -8.36 -25.73 -7.30
N GLY B 118 -9.37 -24.91 -7.03
CA GLY B 118 -9.23 -23.94 -5.98
C GLY B 118 -8.65 -22.61 -6.42
N ALA B 119 -8.51 -22.34 -7.72
CA ALA B 119 -7.97 -21.04 -8.17
C ALA B 119 -9.07 -20.01 -8.00
N LYS B 120 -8.71 -18.75 -7.76
CA LYS B 120 -9.75 -17.73 -7.61
C LYS B 120 -9.85 -16.71 -8.78
N TYR B 121 -8.92 -16.85 -9.72
CA TYR B 121 -8.87 -15.99 -10.86
C TYR B 121 -8.15 -16.72 -11.97
N VAL B 122 -8.34 -16.28 -13.19
CA VAL B 122 -7.79 -16.91 -14.38
C VAL B 122 -7.26 -15.85 -15.36
N ILE B 123 -6.07 -16.08 -15.91
CA ILE B 123 -5.48 -15.11 -16.84
C ILE B 123 -4.82 -15.80 -18.05
N PRO B 124 -5.49 -15.77 -19.21
CA PRO B 124 -4.98 -16.38 -20.43
C PRO B 124 -4.06 -15.40 -21.16
N THR B 125 -3.09 -15.90 -21.91
CA THR B 125 -2.24 -15.03 -22.71
C THR B 125 -3.23 -14.53 -23.85
N THR B 126 -3.44 -13.23 -23.99
CA THR B 126 -4.33 -12.80 -25.07
C THR B 126 -3.49 -12.58 -26.33
N LYS B 127 -2.19 -12.35 -26.12
CA LYS B 127 -1.20 -12.17 -27.17
C LYS B 127 0.20 -12.44 -26.59
N HIS B 128 0.90 -13.40 -27.13
CA HIS B 128 2.22 -13.68 -26.63
C HIS B 128 3.28 -13.09 -27.59
N HIS B 129 4.56 -13.34 -27.30
CA HIS B 129 5.66 -12.78 -28.09
C HIS B 129 5.53 -12.96 -29.57
N ASP B 130 4.80 -14.00 -30.01
CA ASP B 130 4.61 -14.26 -31.45
C ASP B 130 3.54 -13.34 -32.13
N GLY B 131 2.86 -12.52 -31.32
CA GLY B 131 1.92 -11.56 -31.84
C GLY B 131 0.58 -12.10 -32.29
N PHE B 132 0.38 -13.41 -32.15
CA PHE B 132 -0.90 -13.95 -32.51
C PHE B 132 -1.89 -13.58 -31.34
N CYS B 133 -3.03 -13.00 -31.70
CA CYS B 133 -4.01 -12.56 -30.73
C CYS B 133 -5.23 -13.48 -30.61
N LEU B 134 -5.57 -13.85 -29.36
CA LEU B 134 -6.67 -14.73 -29.07
C LEU B 134 -8.04 -14.03 -28.95
N TRP B 135 -8.19 -12.81 -29.48
CA TRP B 135 -9.50 -12.09 -29.49
C TRP B 135 -9.71 -11.44 -30.84
N GLY B 136 -10.95 -11.20 -31.23
CA GLY B 136 -11.14 -10.58 -32.53
C GLY B 136 -10.68 -9.11 -32.57
N THR B 137 -9.38 -8.86 -32.38
CA THR B 137 -8.88 -7.49 -32.38
C THR B 137 -9.06 -6.83 -33.74
N LYS B 138 -9.19 -5.50 -33.73
CA LYS B 138 -9.31 -4.83 -35.00
C LYS B 138 -8.00 -4.21 -35.50
N TYR B 139 -6.89 -4.52 -34.85
CA TYR B 139 -5.61 -3.92 -35.22
C TYR B 139 -4.64 -4.86 -35.90
N THR B 140 -5.12 -6.07 -36.12
CA THR B 140 -4.39 -7.12 -36.81
C THR B 140 -5.32 -8.29 -37.20
N ASP B 141 -5.04 -8.88 -38.34
CA ASP B 141 -5.82 -10.01 -38.85
C ASP B 141 -5.17 -11.35 -38.41
N PHE B 142 -4.07 -11.23 -37.68
CA PHE B 142 -3.38 -12.39 -37.14
C PHE B 142 -4.02 -12.60 -35.74
N ASN B 143 -5.28 -13.03 -35.73
CA ASN B 143 -5.95 -13.23 -34.46
C ASN B 143 -6.83 -14.49 -34.57
N SER B 144 -7.27 -15.05 -33.44
CA SER B 144 -8.06 -16.28 -33.43
C SER B 144 -9.45 -16.31 -34.07
N VAL B 145 -10.03 -15.12 -34.30
CA VAL B 145 -11.33 -14.97 -34.93
C VAL B 145 -11.17 -15.23 -36.45
N LYS B 146 -10.11 -14.68 -37.06
CA LYS B 146 -9.79 -14.81 -38.50
C LYS B 146 -9.07 -16.08 -38.89
N ARG B 147 -8.21 -16.58 -38.04
CA ARG B 147 -7.42 -17.76 -38.39
C ARG B 147 -7.88 -18.91 -37.52
N GLY B 148 -7.20 -20.06 -37.59
CA GLY B 148 -7.54 -21.18 -36.76
C GLY B 148 -8.87 -21.42 -36.02
N PRO B 149 -8.97 -21.13 -34.72
CA PRO B 149 -10.22 -21.36 -33.96
C PRO B 149 -11.48 -20.77 -34.49
N LYS B 150 -11.37 -19.67 -35.25
CA LYS B 150 -12.48 -18.92 -35.81
C LYS B 150 -13.35 -18.63 -34.63
N ARG B 151 -12.79 -18.09 -33.58
CA ARG B 151 -13.59 -17.86 -32.40
C ARG B 151 -12.89 -16.88 -31.43
N ASP B 152 -13.65 -16.07 -30.70
CA ASP B 152 -13.07 -15.14 -29.71
C ASP B 152 -12.74 -15.91 -28.44
N LEU B 153 -11.56 -16.53 -28.42
CA LEU B 153 -11.13 -17.35 -27.26
C LEU B 153 -11.13 -16.50 -25.96
N VAL B 154 -10.48 -15.35 -26.01
CA VAL B 154 -10.41 -14.48 -24.84
C VAL B 154 -11.78 -14.21 -24.23
N GLY B 155 -12.73 -13.72 -25.06
CA GLY B 155 -14.08 -13.41 -24.62
C GLY B 155 -14.90 -14.59 -24.10
N ASP B 156 -14.89 -15.67 -24.87
CA ASP B 156 -15.61 -16.86 -24.50
C ASP B 156 -15.06 -17.44 -23.21
N LEU B 157 -13.75 -17.32 -22.97
CA LEU B 157 -13.25 -17.87 -21.71
C LEU B 157 -13.52 -16.88 -20.60
N ALA B 158 -13.63 -15.61 -20.93
CA ALA B 158 -13.90 -14.67 -19.88
C ALA B 158 -15.31 -14.91 -19.35
N LYS B 159 -16.21 -15.29 -20.26
CA LYS B 159 -17.63 -15.51 -19.92
C LYS B 159 -17.78 -16.73 -19.06
N ALA B 160 -17.06 -17.79 -19.40
CA ALA B 160 -17.12 -19.00 -18.59
C ALA B 160 -16.52 -18.80 -17.22
N VAL B 161 -15.32 -18.27 -17.14
CA VAL B 161 -14.69 -18.04 -15.86
C VAL B 161 -15.60 -17.26 -14.89
N ARG B 162 -16.16 -16.19 -15.44
CA ARG B 162 -16.99 -15.33 -14.64
C ARG B 162 -18.29 -15.96 -14.19
N GLU B 163 -18.88 -16.76 -15.08
CA GLU B 163 -20.10 -17.48 -14.77
C GLU B 163 -19.79 -18.51 -13.65
N ALA B 164 -18.52 -18.97 -13.58
CA ALA B 164 -18.05 -19.93 -12.59
C ALA B 164 -17.72 -19.20 -11.28
N GLY B 165 -17.85 -17.88 -11.31
CA GLY B 165 -17.60 -17.09 -10.12
C GLY B 165 -16.18 -16.63 -9.88
N LEU B 166 -15.23 -16.91 -10.80
CA LEU B 166 -13.84 -16.50 -10.65
C LEU B 166 -13.60 -15.12 -11.28
N ARG B 167 -12.48 -14.48 -10.92
CA ARG B 167 -12.10 -13.21 -11.49
C ARG B 167 -11.37 -13.51 -12.85
N PHE B 168 -11.34 -12.55 -13.78
CA PHE B 168 -10.70 -12.77 -15.07
C PHE B 168 -9.71 -11.67 -15.41
N GLY B 169 -8.45 -12.06 -15.60
CA GLY B 169 -7.39 -11.11 -15.96
C GLY B 169 -6.86 -11.36 -17.38
N VAL B 170 -5.96 -10.50 -17.83
CA VAL B 170 -5.41 -10.69 -19.17
C VAL B 170 -3.91 -10.46 -19.16
N TYR B 171 -3.25 -11.31 -19.95
CA TYR B 171 -1.82 -11.30 -20.19
C TYR B 171 -1.63 -10.73 -21.60
N TYR B 172 -0.61 -9.92 -21.78
CA TYR B 172 -0.32 -9.29 -23.06
C TYR B 172 1.18 -9.11 -23.21
N SER B 173 1.75 -9.60 -24.32
CA SER B 173 3.16 -9.37 -24.53
C SER B 173 3.40 -7.95 -25.08
N GLY B 174 3.48 -7.00 -24.17
CA GLY B 174 3.71 -5.62 -24.54
C GLY B 174 5.13 -5.41 -25.00
N GLY B 175 6.08 -6.00 -24.25
CA GLY B 175 7.47 -5.86 -24.55
C GLY B 175 8.03 -6.51 -25.78
N LEU B 176 7.44 -7.61 -26.22
CA LEU B 176 7.95 -8.30 -27.40
C LEU B 176 6.82 -8.61 -28.35
N ASP B 177 7.17 -8.59 -29.64
CA ASP B 177 6.23 -8.95 -30.73
C ASP B 177 7.02 -9.38 -31.97
N TRP B 178 7.22 -10.67 -32.10
CA TRP B 178 8.05 -11.14 -33.23
C TRP B 178 7.45 -10.86 -34.60
N ARG B 179 6.23 -10.34 -34.60
CA ARG B 179 5.65 -10.00 -35.85
C ARG B 179 6.33 -8.75 -36.38
N PHE B 180 7.06 -8.04 -35.50
CA PHE B 180 7.75 -6.81 -35.83
C PHE B 180 9.27 -6.95 -35.79
N THR B 181 9.83 -8.14 -35.70
CA THR B 181 11.27 -8.30 -35.69
C THR B 181 11.56 -9.48 -36.57
N THR B 182 12.84 -9.70 -36.94
CA THR B 182 13.22 -10.86 -37.73
C THR B 182 14.32 -11.69 -37.04
N GLU B 183 15.23 -11.04 -36.38
CA GLU B 183 16.34 -11.67 -35.69
C GLU B 183 15.87 -12.30 -34.40
N PRO B 184 16.37 -13.51 -34.08
CA PRO B 184 15.94 -14.13 -32.85
C PRO B 184 16.81 -13.63 -31.68
N ILE B 185 16.30 -13.82 -30.47
CA ILE B 185 17.02 -13.45 -29.28
C ILE B 185 17.99 -14.64 -29.04
N ARG B 186 19.28 -14.40 -29.09
CA ARG B 186 20.18 -15.52 -28.85
C ARG B 186 20.77 -15.38 -27.47
N TYR B 187 20.85 -14.14 -26.99
CA TYR B 187 21.40 -13.83 -25.68
C TYR B 187 20.56 -12.83 -24.92
N PRO B 188 20.69 -12.82 -23.59
CA PRO B 188 19.89 -11.84 -22.83
C PRO B 188 20.23 -10.38 -23.24
N GLU B 189 21.47 -10.07 -23.59
CA GLU B 189 21.84 -8.72 -24.03
C GLU B 189 20.99 -8.28 -25.26
N ASP B 190 20.72 -9.22 -26.18
CA ASP B 190 19.90 -8.92 -27.38
C ASP B 190 18.54 -8.22 -27.10
N LEU B 191 17.98 -8.50 -25.94
CA LEU B 191 16.73 -7.93 -25.50
C LEU B 191 16.69 -6.40 -25.38
N SER B 192 17.88 -5.82 -25.21
CA SER B 192 18.00 -4.39 -25.08
C SER B 192 17.88 -3.64 -26.45
N TYR B 193 18.01 -4.39 -27.57
CA TYR B 193 17.85 -3.76 -28.85
C TYR B 193 16.99 -4.52 -29.85
N ILE B 194 16.76 -5.82 -29.66
CA ILE B 194 15.93 -6.55 -30.62
C ILE B 194 14.44 -6.47 -30.19
N ARG B 195 13.79 -5.38 -30.56
CA ARG B 195 12.41 -5.10 -30.16
C ARG B 195 11.74 -4.36 -31.29
N PRO B 196 10.38 -4.31 -31.26
CA PRO B 196 9.67 -3.61 -32.34
C PRO B 196 10.36 -2.22 -32.52
N ASN B 197 10.58 -1.51 -31.41
CA ASN B 197 11.27 -0.20 -31.41
C ASN B 197 10.61 1.03 -32.03
N THR B 198 9.59 0.79 -32.83
CA THR B 198 8.90 1.84 -33.51
C THR B 198 7.76 2.46 -32.73
N TYR B 199 7.40 3.66 -33.16
CA TYR B 199 6.32 4.45 -32.62
C TYR B 199 4.99 3.73 -32.98
N GLU B 200 4.90 3.27 -34.20
CA GLU B 200 3.77 2.49 -34.68
C GLU B 200 3.43 1.34 -33.67
N TYR B 201 4.46 0.64 -33.20
CA TYR B 201 4.36 -0.46 -32.25
C TYR B 201 3.88 -0.03 -30.86
N ALA B 202 4.42 1.11 -30.39
CA ALA B 202 3.98 1.64 -29.13
C ALA B 202 2.44 1.94 -29.21
N ASP B 203 1.93 2.44 -30.35
CA ASP B 203 0.50 2.74 -30.51
C ASP B 203 -0.28 1.42 -30.56
N TYR B 204 0.20 0.47 -31.33
CA TYR B 204 -0.44 -0.81 -31.45
C TYR B 204 -0.68 -1.45 -30.05
N ALA B 205 0.36 -1.48 -29.22
CA ALA B 205 0.29 -2.03 -27.90
C ALA B 205 -0.76 -1.27 -27.07
N TYR B 206 -0.70 0.06 -27.19
CA TYR B 206 -1.62 0.93 -26.46
C TYR B 206 -3.05 0.65 -26.91
N LYS B 207 -3.26 0.68 -28.22
CA LYS B 207 -4.60 0.47 -28.77
C LYS B 207 -5.07 -0.91 -28.40
N GLN B 208 -4.18 -1.90 -28.42
CA GLN B 208 -4.62 -3.26 -28.08
C GLN B 208 -5.01 -3.48 -26.60
N VAL B 209 -4.27 -2.90 -25.63
CA VAL B 209 -4.63 -3.09 -24.21
C VAL B 209 -5.93 -2.31 -23.88
N MET B 210 -6.08 -1.10 -24.45
CA MET B 210 -7.29 -0.27 -24.38
C MET B 210 -8.51 -1.07 -24.91
N GLU B 211 -8.28 -1.86 -25.97
CA GLU B 211 -9.32 -2.65 -26.57
C GLU B 211 -9.73 -3.78 -25.63
N LEU B 212 -8.75 -4.40 -24.95
CA LEU B 212 -9.03 -5.49 -24.02
C LEU B 212 -9.75 -4.80 -22.89
N VAL B 213 -9.30 -3.62 -22.46
CA VAL B 213 -10.01 -2.93 -21.39
C VAL B 213 -11.52 -2.66 -21.68
N ASP B 214 -11.81 -2.18 -22.90
CA ASP B 214 -13.17 -1.88 -23.28
C ASP B 214 -14.03 -3.11 -23.64
N LEU B 215 -13.44 -4.22 -24.06
CA LEU B 215 -14.26 -5.35 -24.40
C LEU B 215 -14.49 -6.24 -23.23
N TYR B 216 -13.48 -6.40 -22.38
CA TYR B 216 -13.63 -7.32 -21.24
C TYR B 216 -13.43 -6.75 -19.84
N LEU B 217 -13.03 -5.47 -19.74
CA LEU B 217 -12.74 -4.80 -18.45
C LEU B 217 -12.17 -5.86 -17.47
N PRO B 218 -11.01 -6.46 -17.80
CA PRO B 218 -10.37 -7.48 -16.99
C PRO B 218 -10.00 -6.97 -15.60
N ASP B 219 -9.87 -7.94 -14.67
CA ASP B 219 -9.52 -7.67 -13.25
C ASP B 219 -8.04 -7.46 -12.99
N VAL B 220 -7.27 -7.90 -13.96
CA VAL B 220 -5.83 -7.81 -13.92
C VAL B 220 -5.30 -7.54 -15.30
N LEU B 221 -4.44 -6.52 -15.37
CA LEU B 221 -3.71 -6.19 -16.60
C LEU B 221 -2.32 -6.79 -16.33
N TRP B 222 -2.10 -7.99 -16.85
CA TRP B 222 -0.81 -8.65 -16.67
C TRP B 222 0.12 -8.46 -17.91
N ASN B 223 0.98 -7.45 -17.87
CA ASN B 223 1.85 -7.23 -19.00
C ASN B 223 3.15 -7.99 -18.91
N ASP B 224 3.76 -8.32 -20.05
CA ASP B 224 5.04 -8.98 -19.97
C ASP B 224 6.17 -8.35 -20.81
N MET B 225 7.40 -8.43 -20.28
CA MET B 225 8.63 -7.97 -20.95
C MET B 225 8.82 -6.45 -21.08
N GLY B 226 8.25 -5.72 -20.13
CA GLY B 226 8.31 -4.28 -20.15
C GLY B 226 7.39 -3.68 -21.18
N TRP B 227 7.20 -2.37 -21.12
CA TRP B 227 6.36 -1.68 -22.10
C TRP B 227 7.28 -0.96 -23.06
N PRO B 228 6.92 -0.95 -24.34
CA PRO B 228 7.77 -0.27 -25.33
C PRO B 228 8.15 1.11 -24.79
N GLU B 229 9.41 1.50 -24.91
CA GLU B 229 9.85 2.77 -24.31
C GLU B 229 9.09 3.98 -24.81
N LYS B 230 8.76 3.96 -26.09
CA LYS B 230 8.08 5.11 -26.65
C LYS B 230 6.68 5.25 -26.11
N GLY B 231 6.17 4.18 -25.47
CA GLY B 231 4.80 4.20 -24.96
C GLY B 231 4.62 4.32 -23.47
N LYS B 232 5.72 4.25 -22.72
CA LYS B 232 5.68 4.36 -21.28
C LYS B 232 4.86 5.51 -20.71
N GLU B 233 4.93 6.72 -21.29
CA GLU B 233 4.15 7.84 -20.79
C GLU B 233 2.67 7.61 -21.03
N ASP B 234 2.34 6.71 -21.95
CA ASP B 234 0.92 6.40 -22.25
C ASP B 234 0.20 5.70 -21.10
N LEU B 235 0.95 4.95 -20.28
CA LEU B 235 0.39 4.19 -19.17
C LEU B 235 -0.24 5.06 -18.13
N LYS B 236 0.19 6.31 -18.04
CA LYS B 236 -0.43 7.18 -17.06
C LYS B 236 -1.89 7.30 -17.50
N TYR B 237 -2.12 7.45 -18.79
CA TYR B 237 -3.49 7.60 -19.23
C TYR B 237 -4.29 6.32 -19.15
N LEU B 238 -3.67 5.22 -19.57
CA LEU B 238 -4.31 3.90 -19.62
C LEU B 238 -4.66 3.39 -18.22
N PHE B 239 -3.74 3.58 -17.27
CA PHE B 239 -3.97 3.19 -15.90
C PHE B 239 -5.15 4.04 -15.30
N ALA B 240 -5.15 5.35 -15.54
CA ALA B 240 -6.21 6.21 -15.03
C ALA B 240 -7.56 5.77 -15.66
N TYR B 241 -7.56 5.62 -16.99
CA TYR B 241 -8.73 5.20 -17.74
C TYR B 241 -9.29 3.85 -17.18
N TYR B 242 -8.39 2.91 -16.93
CA TYR B 242 -8.80 1.61 -16.44
C TYR B 242 -9.34 1.62 -15.01
N TYR B 243 -8.61 2.27 -14.12
CA TYR B 243 -8.97 2.37 -12.73
C TYR B 243 -10.27 3.16 -12.54
N ASN B 244 -10.53 4.14 -13.39
CA ASN B 244 -11.76 4.90 -13.31
C ASN B 244 -12.97 4.11 -13.79
N LYS B 245 -12.73 3.10 -14.63
CA LYS B 245 -13.77 2.22 -15.10
C LYS B 245 -13.84 1.00 -14.18
N HIS B 246 -12.74 0.62 -13.51
CA HIS B 246 -12.75 -0.58 -12.66
C HIS B 246 -11.75 -0.41 -11.49
N PRO B 247 -12.18 0.29 -10.44
CA PRO B 247 -11.26 0.49 -9.29
C PRO B 247 -10.65 -0.81 -8.76
N GLU B 248 -11.40 -1.91 -8.83
CA GLU B 248 -10.88 -3.18 -8.35
C GLU B 248 -10.01 -3.89 -9.39
N GLY B 249 -9.76 -3.23 -10.51
CA GLY B 249 -8.85 -3.76 -11.52
C GLY B 249 -7.43 -3.70 -10.91
N SER B 250 -6.45 -4.31 -11.53
CA SER B 250 -5.08 -4.28 -11.00
C SER B 250 -4.07 -4.47 -12.11
N VAL B 251 -2.82 -4.07 -11.85
CA VAL B 251 -1.75 -4.23 -12.84
C VAL B 251 -0.52 -4.84 -12.17
N ASN B 252 0.31 -5.55 -12.95
CA ASN B 252 1.54 -6.11 -12.37
C ASN B 252 2.72 -5.09 -12.46
N ASP B 253 3.93 -5.60 -12.32
CA ASP B 253 5.13 -4.78 -12.26
C ASP B 253 6.02 -4.95 -13.50
N ARG B 254 5.45 -5.37 -14.64
CA ARG B 254 6.29 -5.56 -15.83
C ARG B 254 6.09 -4.49 -16.89
N TRP B 255 5.96 -3.24 -16.48
CA TRP B 255 5.71 -2.16 -17.42
C TRP B 255 6.90 -1.22 -17.50
N GLY B 256 7.75 -1.28 -16.48
CA GLY B 256 8.90 -0.42 -16.50
C GLY B 256 8.49 1.00 -16.19
N VAL B 257 7.37 1.22 -15.51
CA VAL B 257 6.98 2.58 -15.10
C VAL B 257 6.87 2.61 -13.57
N PRO B 258 6.73 3.80 -13.00
CA PRO B 258 6.62 3.88 -11.55
C PRO B 258 5.47 3.24 -10.81
N HIS B 259 4.48 2.68 -11.48
CA HIS B 259 3.35 2.13 -10.79
C HIS B 259 3.06 0.65 -10.99
N TRP B 260 2.60 -0.01 -9.96
CA TRP B 260 2.25 -1.44 -10.02
C TRP B 260 1.47 -1.71 -8.74
N ASP B 261 0.61 -2.72 -8.76
CA ASP B 261 -0.17 -3.10 -7.59
C ASP B 261 0.44 -4.28 -6.86
N PHE B 262 1.13 -5.15 -7.61
CA PHE B 262 1.81 -6.32 -7.05
C PHE B 262 2.98 -6.63 -7.98
N LYS B 263 4.04 -7.16 -7.39
CA LYS B 263 5.24 -7.51 -8.09
C LYS B 263 5.22 -8.98 -8.49
N THR B 264 6.10 -9.38 -9.37
CA THR B 264 6.14 -10.76 -9.83
C THR B 264 7.52 -11.40 -9.78
N ALA B 265 7.54 -12.71 -9.69
CA ALA B 265 8.76 -13.52 -9.67
C ALA B 265 8.40 -14.76 -10.54
N GLU B 266 9.38 -15.23 -11.32
CA GLU B 266 9.25 -16.38 -12.25
C GLU B 266 10.32 -17.43 -11.94
N TYR B 267 9.88 -18.66 -11.66
CA TYR B 267 10.83 -19.70 -11.23
C TYR B 267 11.80 -19.07 -10.22
N HIS B 268 13.08 -19.30 -10.33
CA HIS B 268 13.98 -18.73 -9.33
C HIS B 268 14.13 -17.21 -9.27
N VAL B 269 13.96 -16.53 -10.40
CA VAL B 269 14.12 -15.07 -10.55
C VAL B 269 13.19 -14.15 -9.74
N ASN B 270 13.80 -13.40 -8.83
CA ASN B 270 13.07 -12.48 -7.94
C ASN B 270 12.28 -13.19 -6.85
N TYR B 271 12.48 -14.50 -6.67
CA TYR B 271 11.75 -15.17 -5.57
C TYR B 271 12.27 -14.63 -4.21
N PRO B 272 11.36 -14.13 -3.37
CA PRO B 272 11.86 -13.63 -2.08
C PRO B 272 12.28 -14.75 -1.11
N GLY B 273 13.39 -14.53 -0.41
CA GLY B 273 13.85 -15.50 0.60
C GLY B 273 13.07 -15.42 1.93
N ASP B 274 12.56 -14.23 2.30
CA ASP B 274 11.79 -14.02 3.53
C ASP B 274 10.68 -13.02 3.21
N LEU B 275 10.08 -12.38 4.21
CA LEU B 275 9.00 -11.44 3.92
C LEU B 275 9.34 -10.16 3.11
N PRO B 276 8.99 -10.09 1.80
CA PRO B 276 9.28 -8.85 1.06
C PRO B 276 8.29 -7.85 1.65
N GLY B 277 8.51 -6.56 1.50
CA GLY B 277 7.51 -5.70 2.11
C GLY B 277 6.38 -5.23 1.22
N TYR B 278 6.05 -6.04 0.21
CA TYR B 278 5.00 -5.67 -0.78
C TYR B 278 4.17 -6.84 -1.24
N LYS B 279 3.08 -6.57 -1.91
CA LYS B 279 2.29 -7.66 -2.46
C LYS B 279 3.01 -8.18 -3.71
N TRP B 280 3.10 -9.51 -3.89
CA TRP B 280 3.71 -10.14 -5.10
C TRP B 280 2.97 -11.43 -5.55
N GLU B 281 3.42 -11.95 -6.68
CA GLU B 281 2.84 -13.14 -7.22
C GLU B 281 3.91 -14.05 -7.86
N PHE B 282 3.92 -15.33 -7.45
CA PHE B 282 4.83 -16.29 -8.04
C PHE B 282 4.20 -17.05 -9.22
N THR B 283 4.95 -17.15 -10.29
CA THR B 283 4.44 -17.92 -11.39
C THR B 283 5.52 -18.85 -11.89
N ARG B 284 5.03 -19.98 -12.42
CA ARG B 284 5.80 -21.06 -13.03
C ARG B 284 4.79 -22.01 -13.69
N GLY B 285 5.30 -22.89 -14.52
CA GLY B 285 4.43 -23.87 -15.13
C GLY B 285 4.49 -25.07 -14.20
N ILE B 286 3.56 -26.00 -14.43
CA ILE B 286 3.54 -27.21 -13.63
C ILE B 286 4.88 -27.96 -14.01
N GLY B 287 5.37 -27.75 -15.25
CA GLY B 287 6.63 -28.33 -15.67
C GLY B 287 7.64 -27.17 -15.75
N LEU B 288 8.55 -27.21 -16.73
CA LEU B 288 9.55 -26.14 -16.96
C LEU B 288 9.15 -25.12 -18.07
N SER B 289 8.08 -25.42 -18.79
CA SER B 289 7.61 -24.62 -19.88
C SER B 289 6.29 -24.03 -19.46
N PHE B 290 5.80 -23.01 -20.18
CA PHE B 290 4.46 -22.42 -19.94
C PHE B 290 3.55 -22.96 -21.03
N GLY B 291 3.99 -22.80 -22.28
CA GLY B 291 3.23 -23.34 -23.39
C GLY B 291 3.31 -24.85 -23.29
N TYR B 292 2.28 -25.57 -23.75
CA TYR B 292 2.36 -27.02 -23.68
C TYR B 292 3.67 -27.58 -24.28
N ASN B 293 4.25 -28.60 -23.66
CA ASN B 293 5.46 -29.26 -24.18
C ASN B 293 5.24 -30.79 -24.05
N ARG B 294 5.16 -31.46 -25.20
CA ARG B 294 4.92 -32.89 -25.24
C ARG B 294 6.20 -33.63 -24.84
N ASN B 295 7.27 -32.90 -24.54
CA ASN B 295 8.49 -33.56 -24.13
C ASN B 295 8.57 -33.68 -22.65
N GLU B 296 7.69 -33.00 -21.94
CA GLU B 296 7.80 -33.08 -20.52
C GLU B 296 7.12 -34.30 -19.98
N GLY B 297 7.81 -35.04 -19.11
CA GLY B 297 7.18 -36.18 -18.46
C GLY B 297 6.93 -35.77 -17.01
N PRO B 298 6.41 -36.67 -16.15
CA PRO B 298 6.21 -36.19 -14.78
C PRO B 298 7.58 -35.91 -14.09
N GLU B 299 8.69 -36.38 -14.69
CA GLU B 299 10.05 -36.12 -14.16
C GLU B 299 10.40 -34.65 -14.21
N HIS B 300 9.67 -33.87 -15.02
CA HIS B 300 9.95 -32.45 -15.13
C HIS B 300 8.89 -31.65 -14.40
N MET B 301 7.78 -32.29 -14.08
CA MET B 301 6.74 -31.58 -13.40
C MET B 301 6.85 -31.63 -11.91
N LEU B 302 6.10 -30.77 -11.22
CA LEU B 302 6.07 -30.79 -9.77
C LEU B 302 5.03 -31.88 -9.46
N SER B 303 5.09 -32.42 -8.25
CA SER B 303 4.15 -33.42 -7.77
C SER B 303 3.19 -32.65 -6.88
N VAL B 304 1.92 -33.07 -6.85
CA VAL B 304 0.93 -32.42 -5.98
C VAL B 304 1.56 -31.93 -4.65
N GLU B 305 2.44 -32.72 -4.06
CA GLU B 305 3.04 -32.33 -2.81
C GLU B 305 3.91 -31.08 -2.98
N GLN B 306 4.77 -31.06 -3.99
CA GLN B 306 5.63 -29.89 -4.21
C GLN B 306 4.73 -28.68 -4.54
N LEU B 307 3.69 -28.96 -5.30
CA LEU B 307 2.76 -27.96 -5.66
C LEU B 307 2.19 -27.37 -4.38
N VAL B 308 1.73 -28.23 -3.47
CA VAL B 308 1.18 -27.74 -2.21
C VAL B 308 2.23 -26.93 -1.43
N TYR B 309 3.41 -27.49 -1.24
CA TYR B 309 4.49 -26.80 -0.56
C TYR B 309 4.83 -25.47 -1.24
N THR B 310 4.87 -25.47 -2.56
CA THR B 310 5.16 -24.27 -3.29
C THR B 310 4.15 -23.23 -2.89
N LEU B 311 2.86 -23.57 -2.99
CA LEU B 311 1.77 -22.64 -2.59
C LEU B 311 1.94 -22.13 -1.13
N VAL B 312 2.09 -23.02 -0.15
CA VAL B 312 2.26 -22.57 1.22
C VAL B 312 3.43 -21.61 1.42
N ASP B 313 4.57 -21.93 0.83
CA ASP B 313 5.74 -21.07 0.96
C ASP B 313 5.44 -19.69 0.33
N VAL B 314 4.89 -19.67 -0.89
CA VAL B 314 4.52 -18.39 -1.47
C VAL B 314 3.57 -17.60 -0.54
N VAL B 315 2.45 -18.22 -0.14
CA VAL B 315 1.47 -17.55 0.67
C VAL B 315 1.92 -16.99 2.03
N SER B 316 2.84 -17.73 2.66
CA SER B 316 3.40 -17.37 3.96
C SER B 316 4.29 -16.13 3.84
N LYS B 317 4.77 -15.89 2.62
CA LYS B 317 5.64 -14.74 2.33
C LYS B 317 4.85 -13.55 1.72
N GLY B 318 3.52 -13.63 1.76
CA GLY B 318 2.71 -12.57 1.23
C GLY B 318 2.36 -12.71 -0.24
N GLY B 319 2.73 -13.78 -0.90
CA GLY B 319 2.37 -13.84 -2.30
C GLY B 319 1.16 -14.65 -2.69
N ASN B 320 0.90 -14.65 -4.00
CA ASN B 320 -0.17 -15.38 -4.64
C ASN B 320 0.60 -16.29 -5.55
N LEU B 321 0.04 -17.47 -5.82
CA LEU B 321 0.69 -18.39 -6.73
C LEU B 321 -0.20 -18.32 -7.96
N LEU B 322 0.44 -18.02 -9.09
CA LEU B 322 -0.23 -17.99 -10.38
C LEU B 322 0.40 -19.20 -11.11
N LEU B 323 -0.24 -20.36 -10.96
CA LEU B 323 0.24 -21.59 -11.55
C LEU B 323 -0.22 -21.66 -13.00
N ASN B 324 0.73 -21.92 -13.88
CA ASN B 324 0.38 -22.00 -15.29
C ASN B 324 -0.08 -23.36 -15.83
N VAL B 325 -1.09 -23.40 -16.72
CA VAL B 325 -1.47 -24.66 -17.35
C VAL B 325 -1.23 -24.45 -18.86
N GLY B 326 -0.65 -25.46 -19.51
CA GLY B 326 -0.35 -25.37 -20.92
C GLY B 326 -1.20 -26.28 -21.80
N PRO B 327 -2.32 -25.75 -22.31
CA PRO B 327 -3.23 -26.52 -23.16
C PRO B 327 -2.67 -26.89 -24.52
N LYS B 328 -3.33 -27.90 -25.11
CA LYS B 328 -2.98 -28.46 -26.41
C LYS B 328 -3.68 -27.64 -27.46
N GLY B 329 -3.14 -27.69 -28.69
CA GLY B 329 -3.68 -27.00 -29.84
C GLY B 329 -5.18 -27.23 -29.93
N ASP B 330 -5.65 -28.43 -29.56
CA ASP B 330 -7.11 -28.70 -29.65
C ASP B 330 -7.98 -28.25 -28.49
N GLY B 331 -7.35 -27.55 -27.53
CA GLY B 331 -8.09 -27.07 -26.37
C GLY B 331 -8.16 -28.02 -25.17
N THR B 332 -7.61 -29.23 -25.23
CA THR B 332 -7.67 -30.09 -24.05
C THR B 332 -6.47 -29.80 -23.17
N ILE B 333 -6.62 -30.07 -21.88
CA ILE B 333 -5.55 -29.83 -20.93
C ILE B 333 -4.90 -31.18 -20.65
N PRO B 334 -3.63 -31.38 -21.06
CA PRO B 334 -2.95 -32.67 -20.85
C PRO B 334 -3.18 -33.32 -19.47
N ASP B 335 -3.47 -34.62 -19.48
CA ASP B 335 -3.72 -35.32 -18.25
C ASP B 335 -2.72 -35.11 -17.10
N LEU B 336 -1.42 -35.06 -17.40
CA LEU B 336 -0.47 -34.84 -16.31
C LEU B 336 -0.70 -33.53 -15.53
N GLN B 337 -1.22 -32.51 -16.23
CA GLN B 337 -1.51 -31.25 -15.59
C GLN B 337 -2.85 -31.27 -14.85
N LYS B 338 -3.87 -31.86 -15.46
CA LYS B 338 -5.20 -31.96 -14.85
C LYS B 338 -5.13 -32.70 -13.48
N GLU B 339 -4.33 -33.76 -13.40
CA GLU B 339 -4.21 -34.50 -12.16
C GLU B 339 -3.57 -33.69 -11.02
N ARG B 340 -2.53 -32.95 -11.39
CA ARG B 340 -1.86 -32.06 -10.45
C ARG B 340 -2.78 -30.91 -10.03
N LEU B 341 -3.64 -30.41 -10.92
CA LEU B 341 -4.57 -29.37 -10.54
C LEU B 341 -5.57 -29.90 -9.53
N LEU B 342 -6.14 -31.06 -9.83
CA LEU B 342 -7.13 -31.73 -8.95
C LEU B 342 -6.52 -32.09 -7.58
N GLY B 343 -5.28 -32.59 -7.59
CA GLY B 343 -4.60 -32.87 -6.34
C GLY B 343 -4.64 -31.64 -5.47
N LEU B 344 -4.08 -30.52 -5.96
CA LEU B 344 -4.04 -29.22 -5.28
C LEU B 344 -5.43 -28.72 -4.93
N GLY B 345 -6.38 -28.93 -5.83
CA GLY B 345 -7.72 -28.53 -5.52
C GLY B 345 -8.21 -29.24 -4.27
N GLU B 346 -7.89 -30.54 -4.18
CA GLU B 346 -8.25 -31.43 -3.04
C GLU B 346 -7.63 -30.94 -1.72
N TRP B 347 -6.34 -30.68 -1.75
CA TRP B 347 -5.66 -30.18 -0.56
C TRP B 347 -6.29 -28.82 -0.10
N LEU B 348 -6.55 -27.91 -1.05
CA LEU B 348 -7.16 -26.63 -0.72
C LEU B 348 -8.57 -26.80 -0.14
N ARG B 349 -9.25 -27.87 -0.56
CA ARG B 349 -10.60 -28.12 -0.05
C ARG B 349 -10.53 -28.43 1.47
N LYS B 350 -9.45 -29.09 1.89
CA LYS B 350 -9.23 -29.45 3.28
C LYS B 350 -8.55 -28.31 4.09
N TYR B 351 -7.50 -27.72 3.52
CA TYR B 351 -6.76 -26.70 4.22
C TYR B 351 -6.96 -25.22 3.83
N GLY B 352 -7.82 -24.96 2.85
CA GLY B 352 -8.06 -23.58 2.40
C GLY B 352 -8.17 -22.48 3.44
N ASP B 353 -8.75 -22.85 4.55
CA ASP B 353 -8.94 -21.88 5.60
C ASP B 353 -7.73 -21.22 6.20
N ALA B 354 -6.56 -21.86 6.07
CA ALA B 354 -5.29 -21.36 6.60
C ALA B 354 -4.52 -20.75 5.43
N ILE B 355 -5.27 -20.45 4.35
CA ILE B 355 -4.69 -19.89 3.13
C ILE B 355 -5.40 -18.65 2.60
N TYR B 356 -6.57 -18.85 2.02
CA TYR B 356 -7.37 -17.73 1.46
C TYR B 356 -7.63 -16.75 2.58
N GLY B 357 -7.75 -15.47 2.28
CA GLY B 357 -7.96 -14.53 3.33
C GLY B 357 -6.87 -14.41 4.40
N THR B 358 -5.73 -15.10 4.31
CA THR B 358 -4.74 -14.93 5.39
C THR B 358 -3.73 -13.81 5.13
N SER B 359 -3.08 -13.39 6.19
CA SER B 359 -2.07 -12.33 6.16
C SER B 359 -0.76 -12.86 6.66
N VAL B 360 0.33 -12.23 6.30
CA VAL B 360 1.59 -12.73 6.78
C VAL B 360 1.66 -12.60 8.32
N TRP B 361 2.55 -13.35 8.93
CA TRP B 361 2.70 -13.29 10.36
C TRP B 361 3.97 -12.44 10.65
N GLU B 362 4.69 -12.73 11.72
CA GLU B 362 5.86 -11.94 12.02
C GLU B 362 7.00 -12.59 11.31
N ARG B 363 6.84 -13.88 11.13
CA ARG B 363 7.85 -14.61 10.39
C ARG B 363 7.08 -15.59 9.51
N CYS B 364 7.71 -15.96 8.41
CA CYS B 364 7.12 -16.84 7.42
C CYS B 364 7.47 -18.28 7.68
N CYS B 365 8.67 -18.41 8.21
CA CYS B 365 9.34 -19.67 8.32
C CYS B 365 9.94 -20.18 9.65
N ALA B 366 9.99 -21.50 9.76
CA ALA B 366 10.53 -22.12 10.93
C ALA B 366 10.88 -23.54 10.55
N LYS B 367 11.52 -24.26 11.46
CA LYS B 367 11.76 -25.66 11.16
C LYS B 367 11.78 -26.52 12.42
N THR B 368 11.49 -27.82 12.26
CA THR B 368 11.53 -28.67 13.41
C THR B 368 12.98 -29.11 13.55
N GLU B 369 13.36 -29.42 14.78
CA GLU B 369 14.68 -29.89 15.12
C GLU B 369 15.19 -31.01 14.17
N ASP B 370 14.27 -31.82 13.67
CA ASP B 370 14.60 -32.90 12.76
C ASP B 370 14.56 -32.53 11.26
N GLY B 371 14.46 -31.22 10.92
CA GLY B 371 14.46 -30.80 9.51
C GLY B 371 13.18 -30.53 8.71
N THR B 372 12.00 -30.83 9.24
CA THR B 372 10.76 -30.52 8.51
C THR B 372 10.63 -28.97 8.51
N GLU B 373 10.27 -28.41 7.36
CA GLU B 373 10.12 -26.95 7.23
C GLU B 373 8.70 -26.53 7.61
N ILE B 374 8.63 -25.40 8.29
CA ILE B 374 7.35 -24.85 8.74
C ILE B 374 7.05 -23.42 8.17
N ARG B 375 5.82 -23.22 7.75
CA ARG B 375 5.45 -21.93 7.22
C ARG B 375 4.31 -21.43 8.04
N PHE B 376 4.15 -20.12 8.18
CA PHE B 376 3.05 -19.55 9.01
C PHE B 376 2.12 -18.65 8.21
N THR B 377 0.85 -18.54 8.62
CA THR B 377 -0.11 -17.64 8.01
C THR B 377 -1.00 -17.16 9.12
N ARG B 378 -1.59 -16.00 8.97
CA ARG B 378 -2.37 -15.43 10.05
C ARG B 378 -3.79 -15.10 9.61
N LYS B 379 -4.66 -14.91 10.61
CA LYS B 379 -6.07 -14.53 10.43
C LYS B 379 -6.48 -13.97 11.78
N CYS B 380 -6.25 -12.68 11.96
CA CYS B 380 -6.56 -12.02 13.23
C CYS B 380 -5.78 -12.64 14.39
N ASN B 381 -6.51 -13.26 15.32
CA ASN B 381 -5.92 -13.93 16.51
C ASN B 381 -5.36 -15.36 16.21
N ARG B 382 -5.76 -15.91 15.07
CA ARG B 382 -5.36 -17.24 14.67
C ARG B 382 -4.06 -17.31 13.89
N ILE B 383 -3.20 -18.22 14.27
CA ILE B 383 -1.96 -18.40 13.56
C ILE B 383 -1.89 -19.81 12.99
N PHE B 384 -1.64 -19.95 11.69
CA PHE B 384 -1.56 -21.28 11.13
C PHE B 384 -0.14 -21.72 11.03
N VAL B 385 0.13 -22.94 11.53
CA VAL B 385 1.48 -23.55 11.54
C VAL B 385 1.31 -24.63 10.50
N ILE B 386 1.90 -24.42 9.34
CA ILE B 386 1.75 -25.38 8.25
C ILE B 386 3.06 -26.10 8.05
N PHE B 387 3.04 -27.42 8.29
CA PHE B 387 4.27 -28.21 8.15
C PHE B 387 4.41 -28.66 6.70
N LEU B 388 5.60 -28.52 6.13
CA LEU B 388 5.73 -28.98 4.76
C LEU B 388 6.00 -30.52 4.83
N GLY B 389 4.98 -31.23 5.29
CA GLY B 389 5.06 -32.68 5.42
C GLY B 389 4.32 -33.13 6.66
N ILE B 390 4.46 -34.40 7.00
CA ILE B 390 3.79 -34.91 8.18
C ILE B 390 4.80 -35.70 9.03
N PRO B 391 5.31 -35.06 10.09
CA PRO B 391 6.28 -35.70 10.94
C PRO B 391 5.79 -37.06 11.46
N THR B 392 6.74 -37.96 11.69
CA THR B 392 6.49 -39.33 12.18
C THR B 392 6.20 -39.46 13.68
N GLY B 393 6.98 -38.75 14.51
CA GLY B 393 6.81 -38.85 15.96
C GLY B 393 5.78 -37.92 16.52
N GLU B 394 5.19 -38.29 17.66
CA GLU B 394 4.18 -37.48 18.32
C GLU B 394 4.81 -36.29 19.02
N LYS B 395 6.13 -36.33 19.15
CA LYS B 395 6.82 -35.23 19.81
C LYS B 395 7.44 -34.39 18.70
N ILE B 396 7.00 -33.14 18.64
CA ILE B 396 7.50 -32.24 17.63
C ILE B 396 8.22 -31.10 18.31
N VAL B 397 9.49 -30.92 17.94
CA VAL B 397 10.31 -29.83 18.47
C VAL B 397 10.57 -28.75 17.41
N ILE B 398 9.91 -27.60 17.54
CA ILE B 398 10.08 -26.53 16.58
C ILE B 398 11.19 -25.63 17.04
N GLU B 399 12.23 -25.52 16.23
CA GLU B 399 13.39 -24.70 16.56
C GLU B 399 13.16 -23.20 16.53
N ASP B 400 13.71 -22.52 17.53
CA ASP B 400 13.65 -21.07 17.64
C ASP B 400 12.27 -20.45 17.62
N LEU B 401 11.34 -21.07 18.34
CA LEU B 401 9.97 -20.57 18.39
C LEU B 401 9.44 -20.61 19.80
N ASN B 402 8.74 -19.54 20.17
CA ASN B 402 8.09 -19.42 21.49
C ASN B 402 6.69 -18.84 21.20
N LEU B 403 5.66 -19.36 21.86
CA LEU B 403 4.32 -18.84 21.64
C LEU B 403 3.81 -18.29 22.94
N SER B 404 3.23 -17.10 22.89
CA SER B 404 2.67 -16.48 24.10
C SER B 404 1.18 -16.88 24.18
N ALA B 405 0.72 -17.54 23.12
CA ALA B 405 -0.66 -17.99 22.98
C ALA B 405 -1.23 -18.64 24.24
N GLY B 406 -1.65 -19.88 24.10
CA GLY B 406 -2.24 -20.55 25.23
C GLY B 406 -2.96 -21.82 24.81
N THR B 407 -3.53 -21.77 23.61
CA THR B 407 -4.22 -22.93 23.10
C THR B 407 -3.62 -23.19 21.70
N VAL B 408 -3.30 -24.44 21.41
CA VAL B 408 -2.74 -24.81 20.11
C VAL B 408 -3.49 -26.02 19.57
N ARG B 409 -4.47 -25.77 18.73
CA ARG B 409 -5.30 -26.82 18.20
C ARG B 409 -4.71 -27.54 17.03
N HIS B 410 -5.25 -28.72 16.75
CA HIS B 410 -4.80 -29.48 15.61
C HIS B 410 -5.88 -29.11 14.62
N PHE B 411 -5.51 -28.30 13.62
CA PHE B 411 -6.34 -27.72 12.58
C PHE B 411 -7.52 -28.50 12.02
N LEU B 412 -7.24 -29.59 11.34
CA LEU B 412 -8.30 -30.40 10.75
C LEU B 412 -9.36 -30.93 11.74
N THR B 413 -8.92 -31.45 12.89
CA THR B 413 -9.79 -32.02 13.91
C THR B 413 -10.34 -30.98 14.91
N GLY B 414 -9.50 -30.03 15.28
CA GLY B 414 -9.90 -29.00 16.20
C GLY B 414 -9.44 -29.31 17.61
N GLU B 415 -8.81 -30.47 17.77
CA GLU B 415 -8.36 -30.91 19.07
C GLU B 415 -7.28 -30.11 19.75
N ARG B 416 -7.59 -29.57 20.94
CA ARG B 416 -6.64 -28.85 21.77
C ARG B 416 -5.40 -29.76 21.93
N LEU B 417 -4.21 -29.19 21.81
CA LEU B 417 -3.00 -29.98 21.95
C LEU B 417 -2.16 -29.44 23.09
N SER B 418 -1.20 -30.27 23.50
CA SER B 418 -0.27 -29.97 24.59
C SER B 418 1.02 -29.39 24.07
N PHE B 419 1.33 -28.16 24.48
CA PHE B 419 2.60 -27.57 24.06
C PHE B 419 3.28 -26.90 25.21
N LYS B 420 4.58 -26.74 25.06
CA LYS B 420 5.41 -26.15 26.08
C LYS B 420 6.57 -25.37 25.41
N ASN B 421 6.79 -24.11 25.82
CA ASN B 421 7.89 -23.30 25.30
C ASN B 421 9.15 -23.68 26.08
N VAL B 422 9.96 -24.59 25.56
CA VAL B 422 11.16 -24.97 26.30
C VAL B 422 12.43 -24.24 25.84
N GLY B 423 12.72 -23.12 26.46
CA GLY B 423 13.91 -22.40 26.06
C GLY B 423 13.66 -21.66 24.77
N LYS B 424 14.53 -21.87 23.79
CA LYS B 424 14.39 -21.18 22.52
C LYS B 424 13.46 -21.95 21.57
N ASN B 425 13.01 -23.12 22.04
CA ASN B 425 12.15 -23.98 21.23
C ASN B 425 10.71 -24.10 21.73
N LEU B 426 9.86 -24.62 20.84
CA LEU B 426 8.44 -24.86 21.17
C LEU B 426 8.31 -26.34 21.00
N GLU B 427 7.61 -26.99 21.92
CA GLU B 427 7.41 -28.43 21.86
C GLU B 427 5.92 -28.70 21.90
N ILE B 428 5.47 -29.49 20.93
CA ILE B 428 4.08 -29.86 20.84
C ILE B 428 3.98 -31.37 20.67
N THR B 429 2.91 -31.92 21.22
CA THR B 429 2.66 -33.35 21.13
C THR B 429 1.38 -33.51 20.31
N VAL B 430 1.56 -34.15 19.16
CA VAL B 430 0.49 -34.39 18.20
C VAL B 430 0.13 -35.88 18.16
N PRO B 431 -1.05 -36.27 18.72
CA PRO B 431 -1.52 -37.65 18.76
C PRO B 431 -1.50 -38.31 17.37
N LYS B 432 -0.78 -39.43 17.26
CA LYS B 432 -0.64 -40.16 16.00
C LYS B 432 -2.01 -40.27 15.29
N LYS B 433 -3.11 -40.38 16.03
CA LYS B 433 -4.41 -40.46 15.37
C LYS B 433 -4.52 -39.24 14.45
N LEU B 434 -4.23 -38.07 15.03
CA LEU B 434 -4.28 -36.79 14.31
C LEU B 434 -3.25 -36.71 13.20
N LEU B 435 -1.96 -36.86 13.54
CA LEU B 435 -0.96 -36.83 12.51
C LEU B 435 -1.43 -37.69 11.37
N GLU B 436 -2.24 -38.70 11.66
CA GLU B 436 -2.67 -39.59 10.62
C GLU B 436 -3.87 -39.13 9.82
N THR B 437 -4.53 -38.07 10.24
CA THR B 437 -5.67 -37.58 9.44
C THR B 437 -5.30 -36.48 8.42
N ASP B 438 -4.16 -35.81 8.64
CA ASP B 438 -3.68 -34.73 7.78
C ASP B 438 -3.28 -35.27 6.44
N SER B 439 -3.37 -34.44 5.40
CA SER B 439 -3.05 -34.94 4.06
C SER B 439 -1.63 -34.74 3.56
N ILE B 440 -1.22 -33.52 3.28
CA ILE B 440 0.13 -33.50 2.74
C ILE B 440 1.04 -32.78 3.71
N THR B 441 0.34 -32.00 4.53
CA THR B 441 0.92 -31.15 5.53
C THR B 441 0.23 -31.34 6.85
N LEU B 442 1.00 -31.28 7.92
CA LEU B 442 0.45 -31.31 9.26
C LEU B 442 0.14 -29.82 9.48
N VAL B 443 -1.07 -29.51 9.90
CA VAL B 443 -1.40 -28.11 10.14
C VAL B 443 -1.91 -27.92 11.57
N LEU B 444 -1.30 -27.00 12.28
CA LEU B 444 -1.68 -26.68 13.64
C LEU B 444 -2.30 -25.30 13.58
N GLU B 445 -2.81 -24.83 14.69
CA GLU B 445 -3.42 -23.54 14.73
C GLU B 445 -3.34 -23.00 16.14
N ALA B 446 -2.55 -21.97 16.33
CA ALA B 446 -2.38 -21.35 17.62
C ALA B 446 -3.45 -20.28 17.68
N VAL B 447 -3.88 -19.87 18.88
CA VAL B 447 -4.93 -18.85 19.00
C VAL B 447 -4.56 -17.94 20.18
N GLU B 448 -4.00 -16.76 19.90
CA GLU B 448 -3.57 -15.83 20.97
C GLU B 448 -4.44 -14.60 21.30
#